data_4LSD
#
_entry.id   4LSD
#
_cell.length_a   93.200
_cell.length_b   93.200
_cell.length_c   284.900
_cell.angle_alpha   90.00
_cell.angle_beta   90.00
_cell.angle_gamma   90.00
#
_symmetry.space_group_name_H-M   'P 41 21 2'
#
loop_
_entity.id
_entity.type
_entity.pdbx_description
1 polymer 'Fibronectin type III domain-containing protein 5'
2 water water
#
_entity_poly.entity_id   1
_entity_poly.type   'polypeptide(L)'
_entity_poly.pdbx_seq_one_letter_code
;(MSE)SPSAPVNVTVRHLKANSAVVSWDVLEDEVVIGFAISQQKKDVR(MSE)LRFIQEVNTTTRSCALWDLEEDTEYIV
HVQAISIQGQSPASEPVLFKTPREAEK
;
_entity_poly.pdbx_strand_id   A,B,C,D,E,F,G,H
#
# COMPACT_ATOMS: atom_id res chain seq x y z
N MSE A 1 11.43 44.67 -17.37
CA MSE A 1 10.59 45.46 -16.43
C MSE A 1 9.60 44.58 -15.67
O MSE A 1 9.58 43.35 -15.85
CB MSE A 1 9.83 46.55 -17.18
CG MSE A 1 8.86 45.99 -18.17
SE MSE A 1 8.96 46.94 -19.84
CE MSE A 1 10.77 46.49 -20.37
N SER A 2 8.76 45.21 -14.85
CA SER A 2 7.86 44.45 -14.02
C SER A 2 6.61 45.21 -13.52
N PRO A 3 5.58 44.46 -13.09
CA PRO A 3 4.32 45.02 -12.57
C PRO A 3 4.50 45.65 -11.19
N SER A 4 3.46 46.33 -10.74
CA SER A 4 3.47 46.98 -9.45
C SER A 4 2.94 46.01 -8.40
N ALA A 5 3.44 46.15 -7.18
CA ALA A 5 3.03 45.30 -6.09
C ALA A 5 1.52 45.31 -6.02
N PRO A 6 0.93 44.29 -5.38
CA PRO A 6 -0.53 44.20 -5.25
C PRO A 6 -0.97 45.26 -4.23
N VAL A 7 -2.19 45.76 -4.36
CA VAL A 7 -2.71 46.76 -3.43
C VAL A 7 -4.00 46.26 -2.82
N ASN A 8 -4.45 46.90 -1.75
CA ASN A 8 -5.71 46.51 -1.14
C ASN A 8 -5.78 45.04 -0.79
N VAL A 9 -4.68 44.50 -0.25
CA VAL A 9 -4.67 43.10 0.13
C VAL A 9 -5.51 43.01 1.40
N THR A 10 -6.57 42.20 1.35
CA THR A 10 -7.47 42.05 2.49
C THR A 10 -7.65 40.57 2.84
N VAL A 11 -8.04 40.30 4.08
CA VAL A 11 -8.27 38.96 4.55
C VAL A 11 -9.74 38.80 4.90
N ARG A 12 -10.46 37.96 4.16
CA ARG A 12 -11.88 37.76 4.46
C ARG A 12 -12.22 36.32 4.85
N HIS A 13 -13.46 36.11 5.26
CA HIS A 13 -13.93 34.79 5.66
C HIS A 13 -12.86 34.09 6.49
N LEU A 14 -12.43 34.78 7.54
CA LEU A 14 -11.40 34.29 8.44
C LEU A 14 -11.95 33.31 9.48
N LYS A 15 -11.57 32.06 9.36
CA LYS A 15 -12.01 31.01 10.27
C LYS A 15 -10.87 30.53 11.16
N ALA A 16 -11.21 29.67 12.12
CA ALA A 16 -10.24 29.13 13.06
C ALA A 16 -9.05 28.42 12.40
N ASN A 17 -9.30 27.79 11.25
CA ASN A 17 -8.24 27.05 10.57
C ASN A 17 -8.06 27.42 9.12
N SER A 18 -8.69 28.51 8.68
CA SER A 18 -8.57 28.92 7.29
C SER A 18 -8.91 30.39 7.10
N ALA A 19 -8.54 30.92 5.95
CA ALA A 19 -8.82 32.30 5.60
C ALA A 19 -8.66 32.45 4.10
N VAL A 20 -9.18 33.55 3.56
CA VAL A 20 -9.09 33.85 2.14
C VAL A 20 -8.42 35.21 2.02
N VAL A 21 -7.48 35.34 1.09
CA VAL A 21 -6.75 36.58 0.88
C VAL A 21 -7.15 37.16 -0.47
N SER A 22 -7.39 38.47 -0.52
CA SER A 22 -7.78 39.13 -1.78
C SER A 22 -6.88 40.33 -2.01
N TRP A 23 -6.83 40.78 -3.25
CA TRP A 23 -6.01 41.92 -3.60
C TRP A 23 -6.43 42.48 -4.92
N ASP A 24 -5.80 43.58 -5.30
CA ASP A 24 -6.06 44.21 -6.57
C ASP A 24 -4.69 44.52 -7.12
N VAL A 25 -4.64 44.75 -8.43
CA VAL A 25 -3.40 45.10 -9.07
C VAL A 25 -3.73 46.36 -9.85
N LEU A 26 -2.71 47.11 -10.24
CA LEU A 26 -2.91 48.33 -11.00
C LEU A 26 -3.06 48.03 -12.49
N GLU A 27 -2.29 47.06 -12.98
CA GLU A 27 -2.32 46.70 -14.39
C GLU A 27 -2.92 45.32 -14.67
N ASP A 28 -4.24 45.23 -14.72
CA ASP A 28 -4.89 43.94 -14.98
C ASP A 28 -4.47 43.33 -16.32
N GLU A 29 -4.07 44.16 -17.27
CA GLU A 29 -3.68 43.62 -18.58
C GLU A 29 -2.33 42.90 -18.61
N VAL A 30 -1.53 43.09 -17.57
CA VAL A 30 -0.19 42.49 -17.50
C VAL A 30 -0.02 41.33 -16.52
N VAL A 31 -0.86 41.29 -15.49
CA VAL A 31 -0.79 40.27 -14.45
C VAL A 31 -1.37 38.92 -14.83
N ILE A 32 -0.49 37.91 -14.89
CA ILE A 32 -0.90 36.55 -15.24
C ILE A 32 -0.94 35.59 -14.06
N GLY A 33 -0.48 36.04 -12.90
CA GLY A 33 -0.48 35.18 -11.75
C GLY A 33 -0.11 35.88 -10.46
N PHE A 34 0.21 35.09 -9.44
CA PHE A 34 0.56 35.64 -8.14
C PHE A 34 1.38 34.67 -7.31
N ALA A 35 2.12 35.19 -6.34
CA ALA A 35 2.89 34.35 -5.44
C ALA A 35 2.58 34.87 -4.04
N ILE A 36 2.25 33.96 -3.14
CA ILE A 36 1.93 34.34 -1.75
C ILE A 36 2.88 33.64 -0.78
N SER A 37 3.23 34.32 0.31
CA SER A 37 4.09 33.79 1.35
C SER A 37 3.28 33.82 2.62
N GLN A 38 3.39 32.76 3.40
CA GLN A 38 2.66 32.67 4.64
C GLN A 38 3.56 32.13 5.74
N GLN A 39 3.54 32.79 6.88
CA GLN A 39 4.31 32.34 8.03
C GLN A 39 3.66 32.90 9.28
N LYS A 40 3.77 32.16 10.38
CA LYS A 40 3.21 32.63 11.63
C LYS A 40 4.06 33.78 12.14
N LYS A 41 3.46 34.61 12.99
CA LYS A 41 4.15 35.74 13.59
C LYS A 41 5.39 35.10 14.23
N ASP A 42 5.18 33.97 14.92
CA ASP A 42 6.28 33.21 15.53
C ASP A 42 6.78 32.30 14.41
N VAL A 43 7.48 32.87 13.43
CA VAL A 43 7.95 32.09 12.30
C VAL A 43 8.62 30.75 12.58
N ARG A 44 8.30 29.78 11.74
CA ARG A 44 8.85 28.44 11.82
C ARG A 44 8.60 27.77 10.48
N MSE A 45 7.35 27.38 10.25
CA MSE A 45 6.92 26.74 9.02
C MSE A 45 6.66 27.86 8.01
O MSE A 45 6.01 28.86 8.36
CB MSE A 45 5.62 25.96 9.30
CG MSE A 45 5.16 24.96 8.21
SE MSE A 45 4.10 25.66 6.75
CE MSE A 45 5.46 25.66 5.47
N LEU A 46 7.17 27.72 6.79
CA LEU A 46 6.99 28.74 5.73
C LEU A 46 6.21 28.14 4.57
N ARG A 47 5.02 28.66 4.29
CA ARG A 47 4.22 28.15 3.18
C ARG A 47 4.18 29.12 2.01
N PHE A 48 4.39 28.58 0.81
CA PHE A 48 4.40 29.39 -0.41
C PHE A 48 3.40 28.87 -1.44
N ILE A 49 2.55 29.75 -1.96
CA ILE A 49 1.58 29.37 -2.98
C ILE A 49 1.78 30.24 -4.19
N GLN A 50 1.81 29.64 -5.37
CA GLN A 50 1.97 30.39 -6.61
C GLN A 50 0.98 29.83 -7.61
N GLU A 51 0.36 30.70 -8.40
CA GLU A 51 -0.57 30.27 -9.44
C GLU A 51 -0.28 31.17 -10.60
N VAL A 52 -0.20 30.58 -11.79
CA VAL A 52 0.08 31.34 -12.98
C VAL A 52 -0.94 30.96 -14.05
N ASN A 53 -1.09 31.84 -15.04
CA ASN A 53 -2.04 31.65 -16.14
C ASN A 53 -3.46 31.61 -15.58
N THR A 54 -3.77 32.58 -14.73
CA THR A 54 -5.07 32.68 -14.09
C THR A 54 -5.44 34.16 -13.99
N THR A 55 -6.73 34.45 -13.77
CA THR A 55 -7.17 35.84 -13.64
C THR A 55 -7.62 36.08 -12.21
N THR A 56 -7.42 35.08 -11.34
CA THR A 56 -7.84 35.17 -9.94
C THR A 56 -7.28 36.34 -9.13
N ARG A 57 -8.06 36.78 -8.15
CA ARG A 57 -7.64 37.86 -7.27
C ARG A 57 -7.81 37.46 -5.80
N SER A 58 -7.85 36.15 -5.55
CA SER A 58 -7.95 35.65 -4.19
C SER A 58 -7.33 34.27 -4.10
N CYS A 59 -6.87 33.96 -2.90
CA CYS A 59 -6.22 32.70 -2.64
C CYS A 59 -6.58 32.25 -1.24
N ALA A 60 -7.07 31.02 -1.13
CA ALA A 60 -7.45 30.45 0.17
C ALA A 60 -6.24 29.87 0.90
N LEU A 61 -6.24 29.99 2.22
CA LEU A 61 -5.17 29.45 3.05
C LEU A 61 -5.85 28.46 3.96
N TRP A 62 -5.42 27.21 3.90
CA TRP A 62 -6.02 26.16 4.69
C TRP A 62 -5.11 25.64 5.79
N ASP A 63 -5.67 24.82 6.67
CA ASP A 63 -4.92 24.20 7.74
C ASP A 63 -4.13 25.19 8.57
N LEU A 64 -4.74 26.33 8.88
CA LEU A 64 -4.08 27.32 9.69
C LEU A 64 -4.25 26.93 11.14
N GLU A 65 -3.40 27.49 11.99
CA GLU A 65 -3.42 27.24 13.43
C GLU A 65 -4.49 28.11 14.06
N GLU A 66 -5.20 27.56 15.05
CA GLU A 66 -6.24 28.32 15.75
C GLU A 66 -5.60 29.35 16.67
N ASP A 67 -6.34 30.42 16.96
CA ASP A 67 -5.86 31.47 17.87
C ASP A 67 -4.40 31.79 17.62
N THR A 68 -4.07 32.01 16.36
CA THR A 68 -2.70 32.28 15.95
C THR A 68 -2.60 33.45 14.96
N GLU A 69 -1.51 34.21 15.08
CA GLU A 69 -1.24 35.36 14.21
C GLU A 69 -0.37 34.99 13.00
N TYR A 70 -0.75 35.49 11.83
CA TYR A 70 -0.03 35.20 10.60
C TYR A 70 0.35 36.46 9.85
N ILE A 71 1.33 36.31 8.96
CA ILE A 71 1.80 37.40 8.14
C ILE A 71 1.88 36.85 6.74
N VAL A 72 1.15 37.49 5.85
CA VAL A 72 1.06 37.08 4.46
C VAL A 72 1.52 38.21 3.55
N HIS A 73 2.28 37.88 2.52
CA HIS A 73 2.72 38.88 1.56
C HIS A 73 2.28 38.39 0.19
N VAL A 74 1.80 39.30 -0.64
CA VAL A 74 1.37 38.92 -1.98
C VAL A 74 2.29 39.58 -2.98
N GLN A 75 2.49 38.93 -4.11
CA GLN A 75 3.34 39.47 -5.18
C GLN A 75 2.60 39.20 -6.50
N ALA A 76 2.81 40.06 -7.50
CA ALA A 76 2.13 39.86 -8.77
C ALA A 76 3.11 39.40 -9.84
N ILE A 77 2.70 38.39 -10.61
CA ILE A 77 3.54 37.83 -11.67
C ILE A 77 3.12 38.32 -13.03
N SER A 78 4.08 38.72 -13.84
CA SER A 78 3.83 39.19 -15.20
C SER A 78 4.54 38.20 -16.11
N ILE A 79 4.36 38.33 -17.42
CA ILE A 79 5.04 37.43 -18.35
C ILE A 79 6.50 37.86 -18.45
N GLN A 80 6.76 39.13 -18.17
CA GLN A 80 8.12 39.67 -18.25
C GLN A 80 8.86 39.63 -16.91
N GLY A 81 8.13 39.76 -15.82
CA GLY A 81 8.76 39.74 -14.52
C GLY A 81 7.82 39.48 -13.35
N GLN A 82 8.17 40.07 -12.21
CA GLN A 82 7.42 39.93 -10.99
C GLN A 82 7.50 41.26 -10.24
N SER A 83 6.52 41.51 -9.39
CA SER A 83 6.47 42.75 -8.63
C SER A 83 7.02 42.60 -7.22
N PRO A 84 7.25 43.74 -6.55
CA PRO A 84 7.77 43.68 -5.18
C PRO A 84 6.65 43.18 -4.29
N ALA A 85 6.96 42.81 -3.06
CA ALA A 85 5.93 42.33 -2.14
C ALA A 85 4.94 43.44 -1.83
N SER A 86 3.69 43.06 -1.63
CA SER A 86 2.65 44.01 -1.28
C SER A 86 3.00 44.33 0.17
N GLU A 87 2.18 45.16 0.80
CA GLU A 87 2.38 45.47 2.21
C GLU A 87 1.93 44.23 2.96
N PRO A 88 2.64 43.89 4.05
CA PRO A 88 2.26 42.70 4.83
C PRO A 88 0.86 42.81 5.36
N VAL A 89 0.11 41.72 5.29
CA VAL A 89 -1.23 41.73 5.86
C VAL A 89 -1.11 40.84 7.08
N LEU A 90 -1.60 41.34 8.21
CA LEU A 90 -1.51 40.61 9.46
C LEU A 90 -2.88 40.22 9.95
N PHE A 91 -2.98 39.06 10.58
CA PHE A 91 -4.26 38.64 11.08
C PHE A 91 -4.09 37.54 12.08
N LYS A 92 -5.16 37.24 12.79
CA LYS A 92 -5.10 36.22 13.79
C LYS A 92 -6.35 35.37 13.66
N THR A 93 -6.15 34.06 13.75
CA THR A 93 -7.26 33.16 13.64
C THR A 93 -8.06 33.06 14.94
N PRO A 94 -9.37 32.85 14.82
CA PRO A 94 -10.32 32.72 15.93
C PRO A 94 -9.96 31.46 16.71
N ARG A 95 -10.65 31.24 17.83
CA ARG A 95 -10.42 30.06 18.67
C ARG A 95 -11.17 28.85 18.12
N GLU A 96 -10.71 27.65 18.45
CA GLU A 96 -11.38 26.43 17.99
C GLU A 96 -12.60 26.25 18.88
N ALA A 97 -13.74 26.06 18.23
CA ALA A 97 -15.01 25.92 18.93
C ALA A 97 -15.27 24.72 19.86
N GLU A 98 -15.62 25.06 21.10
CA GLU A 98 -16.02 24.08 22.11
C GLU A 98 -17.07 24.80 22.93
N SER B 2 22.50 12.61 -2.16
CA SER B 2 21.57 13.53 -2.89
C SER B 2 20.12 13.02 -2.74
N PRO B 3 19.17 13.92 -2.41
CA PRO B 3 17.73 13.69 -2.21
C PRO B 3 17.05 12.99 -3.37
N SER B 4 16.32 11.97 -3.01
CA SER B 4 15.59 11.10 -3.90
C SER B 4 14.13 11.53 -4.11
N ALA B 5 13.61 11.29 -5.31
CA ALA B 5 12.23 11.64 -5.60
C ALA B 5 11.27 10.96 -4.63
N PRO B 6 10.23 11.67 -4.19
CA PRO B 6 9.26 11.09 -3.26
C PRO B 6 8.64 9.89 -3.95
N VAL B 7 8.18 8.89 -3.21
CA VAL B 7 7.54 7.71 -3.80
C VAL B 7 6.19 7.48 -3.13
N ASN B 8 5.44 6.49 -3.62
CA ASN B 8 4.10 6.17 -3.10
C ASN B 8 3.18 7.38 -3.05
N VAL B 9 3.31 8.25 -4.05
CA VAL B 9 2.47 9.43 -4.12
C VAL B 9 1.07 8.95 -4.39
N THR B 10 0.14 9.29 -3.50
CA THR B 10 -1.23 8.84 -3.68
C THR B 10 -2.23 9.92 -3.28
N VAL B 11 -3.42 9.82 -3.85
CA VAL B 11 -4.48 10.78 -3.53
C VAL B 11 -5.55 10.08 -2.67
N ARG B 12 -5.87 10.66 -1.52
CA ARG B 12 -6.86 10.08 -0.62
C ARG B 12 -7.96 11.10 -0.30
N HIS B 13 -8.97 10.66 0.45
CA HIS B 13 -10.12 11.48 0.82
C HIS B 13 -10.60 12.24 -0.40
N LEU B 14 -10.53 11.57 -1.55
CA LEU B 14 -10.95 12.16 -2.79
C LEU B 14 -12.40 12.59 -2.73
N LYS B 15 -12.65 13.88 -2.87
CA LYS B 15 -14.01 14.37 -2.83
C LYS B 15 -14.24 15.32 -3.96
N ALA B 16 -15.51 15.65 -4.20
CA ALA B 16 -15.88 16.54 -5.28
C ALA B 16 -15.02 17.79 -5.42
N ASN B 17 -14.68 18.41 -4.30
CA ASN B 17 -13.89 19.64 -4.36
C ASN B 17 -12.54 19.57 -3.62
N SER B 18 -12.19 18.41 -3.10
CA SER B 18 -10.95 18.30 -2.35
C SER B 18 -10.30 16.92 -2.35
N ALA B 19 -9.05 16.90 -1.91
CA ALA B 19 -8.27 15.68 -1.86
C ALA B 19 -7.04 15.88 -1.02
N VAL B 20 -6.42 14.77 -0.65
CA VAL B 20 -5.19 14.82 0.11
C VAL B 20 -4.16 14.01 -0.66
N VAL B 21 -2.98 14.59 -0.83
CA VAL B 21 -1.90 13.92 -1.54
C VAL B 21 -0.94 13.45 -0.44
N SER B 22 -0.41 12.24 -0.58
CA SER B 22 0.52 11.69 0.39
C SER B 22 1.69 11.09 -0.35
N TRP B 23 2.81 10.95 0.36
CA TRP B 23 4.03 10.39 -0.23
C TRP B 23 4.97 9.88 0.84
N ASP B 24 5.96 9.11 0.42
CA ASP B 24 6.97 8.65 1.38
C ASP B 24 8.25 9.12 0.72
N VAL B 25 9.30 9.26 1.51
CA VAL B 25 10.62 9.65 0.99
C VAL B 25 11.59 8.57 1.46
N LEU B 26 12.67 8.38 0.72
CA LEU B 26 13.66 7.36 1.07
C LEU B 26 14.67 7.83 2.11
N GLU B 27 14.67 9.12 2.40
CA GLU B 27 15.61 9.69 3.34
C GLU B 27 14.95 10.70 4.27
N ASP B 28 14.21 10.19 5.25
CA ASP B 28 13.53 11.05 6.18
C ASP B 28 14.45 12.07 6.84
N GLU B 29 15.67 11.64 7.15
CA GLU B 29 16.62 12.51 7.83
C GLU B 29 17.05 13.82 7.16
N VAL B 30 17.10 13.87 5.83
CA VAL B 30 17.50 15.10 5.15
C VAL B 30 16.34 15.97 4.67
N VAL B 31 15.12 15.42 4.71
CA VAL B 31 13.94 16.12 4.22
C VAL B 31 13.27 17.13 5.17
N ILE B 32 13.07 18.36 4.69
CA ILE B 32 12.44 19.38 5.54
C ILE B 32 11.15 20.03 4.99
N GLY B 33 10.70 19.57 3.83
CA GLY B 33 9.49 20.14 3.25
C GLY B 33 9.15 19.51 1.92
N PHE B 34 8.30 20.17 1.15
CA PHE B 34 7.89 19.61 -0.12
C PHE B 34 7.39 20.68 -1.08
N ALA B 35 7.33 20.32 -2.35
CA ALA B 35 6.82 21.20 -3.39
C ALA B 35 5.85 20.34 -4.19
N ILE B 36 4.60 20.79 -4.28
CA ILE B 36 3.59 20.06 -5.04
C ILE B 36 3.21 20.87 -6.27
N SER B 37 3.15 20.20 -7.42
CA SER B 37 2.76 20.86 -8.65
C SER B 37 1.31 20.35 -8.89
N GLN B 38 0.40 21.24 -9.28
CA GLN B 38 -1.02 20.86 -9.52
C GLN B 38 -1.57 21.59 -10.76
N GLN B 39 -2.27 20.85 -11.61
CA GLN B 39 -2.88 21.40 -12.82
C GLN B 39 -4.00 20.46 -13.24
N LYS B 40 -4.81 20.90 -14.19
CA LYS B 40 -5.88 20.01 -14.67
C LYS B 40 -5.27 19.29 -15.84
N LYS B 41 -5.87 18.17 -16.24
CA LYS B 41 -5.34 17.44 -17.39
C LYS B 41 -5.50 18.41 -18.56
N ASP B 42 -6.64 19.10 -18.60
CA ASP B 42 -6.94 20.11 -19.60
C ASP B 42 -6.22 21.36 -19.09
N VAL B 43 -4.90 21.40 -19.27
CA VAL B 43 -4.10 22.51 -18.76
C VAL B 43 -4.55 23.94 -18.95
N ARG B 44 -4.50 24.69 -17.86
CA ARG B 44 -4.82 26.11 -17.93
C ARG B 44 -4.01 26.79 -16.84
N MSE B 45 -4.59 26.87 -15.65
CA MSE B 45 -3.95 27.49 -14.49
C MSE B 45 -2.93 26.51 -13.88
O MSE B 45 -3.25 25.36 -13.60
CB MSE B 45 -5.04 27.84 -13.48
CG MSE B 45 -4.56 28.51 -12.21
SE MSE B 45 -4.01 27.24 -10.86
CE MSE B 45 -5.73 26.54 -10.39
N LEU B 46 -1.69 26.96 -13.70
CA LEU B 46 -0.63 26.14 -13.12
C LEU B 46 -0.45 26.54 -11.66
N ARG B 47 -0.67 25.61 -10.75
CA ARG B 47 -0.55 25.91 -9.34
C ARG B 47 0.68 25.22 -8.73
N PHE B 48 1.42 25.94 -7.90
CA PHE B 48 2.60 25.38 -7.27
C PHE B 48 2.60 25.71 -5.78
N ILE B 49 2.72 24.68 -4.95
CA ILE B 49 2.72 24.84 -3.50
C ILE B 49 3.98 24.30 -2.84
N GLN B 50 4.44 24.96 -1.78
CA GLN B 50 5.58 24.44 -1.03
C GLN B 50 5.54 24.83 0.43
N GLU B 51 6.08 23.95 1.25
CA GLU B 51 6.16 24.16 2.68
C GLU B 51 7.58 23.81 3.09
N VAL B 52 8.20 24.69 3.87
CA VAL B 52 9.56 24.46 4.32
C VAL B 52 9.54 24.42 5.85
N ASN B 53 10.34 23.51 6.42
CA ASN B 53 10.42 23.31 7.86
C ASN B 53 9.15 22.64 8.35
N THR B 54 8.83 21.51 7.74
CA THR B 54 7.67 20.76 8.15
C THR B 54 7.98 19.29 8.03
N THR B 55 7.39 18.52 8.93
CA THR B 55 7.62 17.08 8.94
C THR B 55 6.49 16.33 8.27
N THR B 56 5.51 17.07 7.77
CA THR B 56 4.33 16.49 7.12
C THR B 56 4.67 15.61 5.91
N ARG B 57 3.79 14.65 5.65
CA ARG B 57 3.94 13.75 4.50
C ARG B 57 2.66 13.81 3.68
N SER B 58 1.89 14.88 3.87
CA SER B 58 0.67 15.04 3.10
C SER B 58 0.33 16.50 2.93
N CYS B 59 -0.49 16.77 1.92
CA CYS B 59 -0.90 18.12 1.64
C CYS B 59 -2.31 18.06 1.07
N ALA B 60 -3.20 18.84 1.67
CA ALA B 60 -4.57 18.86 1.22
C ALA B 60 -4.65 19.79 0.01
N LEU B 61 -5.56 19.48 -0.90
CA LEU B 61 -5.79 20.30 -2.08
C LEU B 61 -7.25 20.66 -1.98
N TRP B 62 -7.54 21.95 -1.84
CA TRP B 62 -8.93 22.38 -1.73
C TRP B 62 -9.42 23.16 -2.95
N ASP B 63 -10.74 23.31 -3.01
CA ASP B 63 -11.43 24.03 -4.07
C ASP B 63 -11.22 23.47 -5.47
N LEU B 64 -11.33 22.15 -5.57
CA LEU B 64 -11.19 21.48 -6.84
C LEU B 64 -12.57 21.47 -7.49
N GLU B 65 -12.58 21.43 -8.83
CA GLU B 65 -13.83 21.39 -9.56
C GLU B 65 -14.24 19.93 -9.67
N GLU B 66 -15.51 19.67 -9.41
CA GLU B 66 -16.01 18.30 -9.46
C GLU B 66 -15.92 17.70 -10.85
N ASP B 67 -15.90 16.37 -10.90
CA ASP B 67 -15.85 15.63 -12.16
C ASP B 67 -14.79 16.22 -13.09
N THR B 68 -13.59 16.37 -12.55
CA THR B 68 -12.47 16.95 -13.29
C THR B 68 -11.16 16.21 -13.05
N GLU B 69 -10.39 16.01 -14.11
CA GLU B 69 -9.11 15.34 -14.01
C GLU B 69 -7.96 16.29 -13.75
N TYR B 70 -7.15 15.91 -12.78
CA TYR B 70 -6.00 16.69 -12.35
C TYR B 70 -4.74 15.84 -12.40
N ILE B 71 -3.61 16.53 -12.46
CA ILE B 71 -2.31 15.89 -12.49
C ILE B 71 -1.44 16.57 -11.45
N VAL B 72 -0.85 15.78 -10.55
CA VAL B 72 0.00 16.35 -9.53
C VAL B 72 1.29 15.54 -9.41
N HIS B 73 2.31 16.18 -8.85
CA HIS B 73 3.56 15.49 -8.56
C HIS B 73 4.22 16.21 -7.40
N VAL B 74 5.00 15.48 -6.64
CA VAL B 74 5.66 16.00 -5.47
C VAL B 74 7.16 15.98 -5.56
N GLN B 75 7.74 17.00 -4.96
CA GLN B 75 9.17 17.18 -4.94
C GLN B 75 9.53 17.29 -3.46
N ALA B 76 10.64 16.68 -3.05
CA ALA B 76 11.03 16.78 -1.66
C ALA B 76 11.96 17.98 -1.53
N ILE B 77 11.85 18.69 -0.41
CA ILE B 77 12.72 19.83 -0.15
C ILE B 77 13.61 19.35 1.01
N SER B 78 14.91 19.29 0.76
CA SER B 78 15.82 18.79 1.78
C SER B 78 16.98 19.73 2.09
N ILE B 79 17.77 19.37 3.10
CA ILE B 79 18.91 20.17 3.49
C ILE B 79 20.04 20.02 2.47
N GLN B 80 19.81 19.23 1.42
CA GLN B 80 20.82 19.03 0.38
C GLN B 80 20.22 19.42 -0.97
N GLY B 81 19.35 20.42 -0.95
CA GLY B 81 18.72 20.85 -2.20
C GLY B 81 17.35 20.25 -2.40
N GLN B 82 16.81 20.38 -3.61
CA GLN B 82 15.50 19.84 -3.94
C GLN B 82 15.58 18.58 -4.78
N SER B 83 14.69 17.63 -4.49
CA SER B 83 14.68 16.37 -5.20
C SER B 83 14.07 16.49 -6.57
N PRO B 84 14.27 15.48 -7.41
CA PRO B 84 13.65 15.62 -8.71
C PRO B 84 12.19 15.29 -8.38
N ALA B 85 11.26 15.56 -9.29
CA ALA B 85 9.86 15.29 -9.02
C ALA B 85 9.44 13.83 -9.03
N SER B 86 8.48 13.51 -8.15
CA SER B 86 7.96 12.17 -8.09
C SER B 86 7.32 11.93 -9.45
N GLU B 87 6.89 10.70 -9.65
CA GLU B 87 6.22 10.30 -10.88
C GLU B 87 4.86 11.02 -10.80
N PRO B 88 4.37 11.56 -11.92
CA PRO B 88 3.08 12.28 -11.91
C PRO B 88 1.90 11.36 -11.60
N VAL B 89 0.90 11.91 -10.93
CA VAL B 89 -0.30 11.19 -10.54
C VAL B 89 -1.56 11.86 -11.11
N LEU B 90 -2.35 11.07 -11.87
CA LEU B 90 -3.57 11.55 -12.50
C LEU B 90 -4.76 11.08 -11.69
N PHE B 91 -5.65 11.99 -11.31
CA PHE B 91 -6.83 11.57 -10.56
C PHE B 91 -8.02 12.40 -10.97
N LYS B 92 -9.21 11.90 -10.67
CA LYS B 92 -10.42 12.61 -11.06
C LYS B 92 -11.39 12.79 -9.92
N THR B 93 -11.88 14.03 -9.75
CA THR B 93 -12.82 14.27 -8.67
C THR B 93 -14.19 13.69 -9.04
N PRO B 94 -14.93 13.20 -8.05
CA PRO B 94 -16.27 12.61 -8.18
C PRO B 94 -17.21 13.64 -8.79
N ARG B 95 -18.49 13.52 -8.46
CA ARG B 95 -19.47 14.47 -8.96
C ARG B 95 -20.26 14.97 -7.76
N MSE C 1 -2.69 -37.61 0.48
CA MSE C 1 -1.29 -38.01 0.79
C MSE C 1 -0.28 -36.92 0.47
O MSE C 1 -0.51 -35.75 0.78
CB MSE C 1 -0.90 -39.29 0.03
CG MSE C 1 -1.62 -40.53 0.55
SE MSE C 1 -2.10 -40.36 2.43
CE MSE C 1 -4.03 -40.60 2.30
N SER C 2 0.84 -37.30 -0.13
CA SER C 2 1.89 -36.37 -0.48
C SER C 2 2.98 -37.13 -1.25
N PRO C 3 3.55 -36.52 -2.29
CA PRO C 3 4.60 -37.07 -3.15
C PRO C 3 5.86 -37.53 -2.43
N SER C 4 6.67 -38.30 -3.13
CA SER C 4 7.91 -38.82 -2.58
C SER C 4 9.03 -37.82 -2.84
N ALA C 5 10.07 -37.84 -2.01
CA ALA C 5 11.18 -36.93 -2.20
C ALA C 5 11.79 -37.19 -3.58
N PRO C 6 12.29 -36.15 -4.25
CA PRO C 6 12.89 -36.33 -5.57
C PRO C 6 14.07 -37.26 -5.39
N VAL C 7 14.40 -38.04 -6.42
CA VAL C 7 15.55 -38.94 -6.31
C VAL C 7 16.61 -38.63 -7.37
N ASN C 8 17.79 -39.22 -7.20
CA ASN C 8 18.98 -39.02 -8.05
C ASN C 8 19.22 -37.59 -8.47
N VAL C 9 19.15 -36.71 -7.47
CA VAL C 9 19.38 -35.29 -7.66
C VAL C 9 20.85 -35.14 -8.03
N THR C 10 21.14 -34.62 -9.22
CA THR C 10 22.53 -34.42 -9.64
C THR C 10 22.74 -33.02 -10.19
N VAL C 11 23.97 -32.55 -10.15
CA VAL C 11 24.29 -31.23 -10.66
C VAL C 11 25.08 -31.39 -11.96
N ARG C 12 24.86 -30.47 -12.90
CA ARG C 12 25.56 -30.50 -14.17
C ARG C 12 25.89 -29.05 -14.59
N HIS C 13 26.57 -28.89 -15.72
CA HIS C 13 26.97 -27.56 -16.21
C HIS C 13 27.58 -26.73 -15.10
N LEU C 14 28.32 -27.42 -14.25
CA LEU C 14 28.98 -26.81 -13.11
C LEU C 14 30.07 -25.79 -13.47
N LYS C 15 29.66 -24.52 -13.64
CA LYS C 15 30.61 -23.46 -13.96
C LYS C 15 30.99 -22.67 -12.71
N ALA C 16 31.82 -21.65 -12.89
CA ALA C 16 32.31 -20.81 -11.79
C ALA C 16 31.27 -20.02 -11.03
N ASN C 17 30.27 -19.51 -11.74
CA ASN C 17 29.24 -18.72 -11.11
C ASN C 17 27.83 -19.25 -11.36
N SER C 18 27.73 -20.49 -11.81
CA SER C 18 26.42 -21.05 -12.09
C SER C 18 26.46 -22.56 -12.16
N ALA C 19 25.28 -23.17 -12.08
CA ALA C 19 25.16 -24.62 -12.14
C ALA C 19 23.71 -24.98 -12.46
N VAL C 20 23.48 -26.25 -12.76
CA VAL C 20 22.15 -26.74 -13.10
C VAL C 20 21.86 -27.97 -12.25
N VAL C 21 20.68 -28.02 -11.64
CA VAL C 21 20.31 -29.13 -10.81
C VAL C 21 19.22 -29.95 -11.48
N SER C 22 19.35 -31.28 -11.45
CA SER C 22 18.37 -32.18 -12.07
C SER C 22 17.91 -33.21 -11.07
N TRP C 23 16.76 -33.80 -11.34
CA TRP C 23 16.23 -34.81 -10.46
C TRP C 23 15.12 -35.55 -11.18
N ASP C 24 14.62 -36.60 -10.52
CA ASP C 24 13.52 -37.41 -11.03
C ASP C 24 12.56 -37.58 -9.85
N VAL C 25 11.36 -38.01 -10.16
CA VAL C 25 10.35 -38.25 -9.14
C VAL C 25 9.73 -39.60 -9.49
N LEU C 26 9.11 -40.25 -8.50
CA LEU C 26 8.51 -41.55 -8.74
C LEU C 26 7.09 -41.49 -9.27
N GLU C 27 6.42 -40.36 -9.08
CA GLU C 27 5.05 -40.19 -9.53
C GLU C 27 4.92 -38.95 -10.43
N ASP C 28 5.36 -39.06 -11.67
CA ASP C 28 5.30 -37.94 -12.61
C ASP C 28 3.90 -37.35 -12.81
N GLU C 29 2.86 -38.16 -12.66
CA GLU C 29 1.51 -37.65 -12.86
C GLU C 29 0.98 -36.77 -11.73
N VAL C 30 1.67 -36.74 -10.60
CA VAL C 30 1.23 -35.93 -9.46
C VAL C 30 2.09 -34.69 -9.23
N VAL C 31 3.34 -34.72 -9.66
CA VAL C 31 4.25 -33.59 -9.43
C VAL C 31 4.01 -32.36 -10.32
N ILE C 32 3.55 -31.27 -9.69
CA ILE C 32 3.28 -30.03 -10.42
C ILE C 32 4.34 -28.96 -10.22
N GLY C 33 5.40 -29.28 -9.50
CA GLY C 33 6.43 -28.29 -9.29
C GLY C 33 7.48 -28.72 -8.28
N PHE C 34 8.40 -27.82 -8.00
CA PHE C 34 9.50 -28.10 -7.09
C PHE C 34 9.94 -26.88 -6.27
N ALA C 35 10.58 -27.14 -5.13
CA ALA C 35 11.14 -26.08 -4.30
C ALA C 35 12.57 -26.53 -4.08
N ILE C 36 13.51 -25.61 -4.20
CA ILE C 36 14.92 -25.89 -4.04
C ILE C 36 15.52 -24.97 -2.99
N SER C 37 16.41 -25.50 -2.15
CA SER C 37 17.05 -24.71 -1.12
C SER C 37 18.56 -24.79 -1.31
N GLN C 38 19.18 -23.62 -1.35
CA GLN C 38 20.62 -23.49 -1.57
C GLN C 38 21.33 -22.70 -0.50
N GLN C 39 22.39 -23.27 0.07
CA GLN C 39 23.22 -22.57 1.05
C GLN C 39 24.61 -23.07 0.74
N LYS C 40 25.63 -22.25 0.98
CA LYS C 40 26.96 -22.78 0.71
C LYS C 40 27.36 -23.60 1.92
N LYS C 41 28.44 -24.38 1.84
CA LYS C 41 28.84 -25.20 2.99
C LYS C 41 28.98 -24.28 4.20
N ASP C 42 29.69 -23.17 4.03
CA ASP C 42 29.85 -22.20 5.10
C ASP C 42 28.62 -21.31 5.01
N VAL C 43 27.51 -21.83 5.52
CA VAL C 43 26.23 -21.13 5.49
C VAL C 43 26.25 -19.68 5.92
N ARG C 44 25.44 -18.90 5.24
CA ARG C 44 25.30 -17.49 5.56
C ARG C 44 24.04 -16.98 4.87
N MSE C 45 24.05 -16.90 3.55
CA MSE C 45 22.87 -16.43 2.83
C MSE C 45 22.04 -17.63 2.39
O MSE C 45 22.56 -18.60 1.85
CB MSE C 45 23.30 -15.58 1.62
CG MSE C 45 22.15 -14.95 0.82
SE MSE C 45 21.47 -16.06 -0.59
CE MSE C 45 22.78 -15.69 -1.93
N LEU C 46 20.73 -17.57 2.65
CA LEU C 46 19.84 -18.66 2.29
C LEU C 46 19.11 -18.33 1.01
N ARG C 47 19.18 -19.21 0.02
CA ARG C 47 18.50 -18.95 -1.22
C ARG C 47 17.46 -20.02 -1.49
N PHE C 48 16.30 -19.61 -1.96
CA PHE C 48 15.23 -20.57 -2.24
C PHE C 48 14.60 -20.33 -3.58
N ILE C 49 14.41 -21.39 -4.34
CA ILE C 49 13.76 -21.24 -5.62
C ILE C 49 12.58 -22.19 -5.65
N GLN C 50 11.51 -21.76 -6.28
CA GLN C 50 10.32 -22.59 -6.38
C GLN C 50 9.58 -22.30 -7.68
N GLU C 51 9.05 -23.35 -8.30
CA GLU C 51 8.29 -23.19 -9.53
C GLU C 51 7.13 -24.17 -9.42
N VAL C 52 5.96 -23.69 -9.81
CA VAL C 52 4.76 -24.50 -9.74
C VAL C 52 4.01 -24.41 -11.06
N ASN C 53 3.30 -25.47 -11.41
CA ASN C 53 2.54 -25.56 -12.64
C ASN C 53 3.51 -25.72 -13.80
N THR C 54 4.54 -26.56 -13.60
CA THR C 54 5.58 -26.86 -14.60
C THR C 54 5.74 -28.37 -14.64
N THR C 55 6.44 -28.84 -15.68
CA THR C 55 6.76 -30.25 -15.85
C THR C 55 8.28 -30.32 -15.83
N THR C 56 8.93 -29.23 -15.45
CA THR C 56 10.39 -29.20 -15.42
C THR C 56 11.00 -30.16 -14.39
N ARG C 57 12.20 -30.63 -14.69
CA ARG C 57 12.90 -31.56 -13.80
C ARG C 57 14.33 -31.09 -13.56
N SER C 58 14.58 -29.81 -13.79
CA SER C 58 15.90 -29.22 -13.54
C SER C 58 15.71 -27.76 -13.19
N CYS C 59 16.74 -27.15 -12.61
CA CYS C 59 16.69 -25.75 -12.20
C CYS C 59 18.05 -25.09 -12.22
N ALA C 60 18.13 -23.93 -12.85
CA ALA C 60 19.39 -23.20 -12.95
C ALA C 60 19.72 -22.50 -11.62
N LEU C 61 21.01 -22.52 -11.26
CA LEU C 61 21.48 -21.84 -10.06
C LEU C 61 22.47 -20.80 -10.57
N TRP C 62 22.10 -19.54 -10.43
CA TRP C 62 22.95 -18.45 -10.89
C TRP C 62 23.54 -17.65 -9.73
N ASP C 63 24.41 -16.70 -10.07
CA ASP C 63 25.01 -15.83 -9.08
C ASP C 63 25.83 -16.60 -8.03
N LEU C 64 26.24 -17.82 -8.37
CA LEU C 64 27.04 -18.62 -7.44
C LEU C 64 28.39 -17.96 -7.34
N GLU C 65 29.07 -18.19 -6.23
CA GLU C 65 30.39 -17.63 -6.00
C GLU C 65 31.43 -18.67 -6.43
N GLU C 66 32.52 -18.20 -7.05
CA GLU C 66 33.55 -19.10 -7.51
C GLU C 66 34.32 -19.80 -6.41
N ASP C 67 34.78 -21.01 -6.71
CA ASP C 67 35.54 -21.81 -5.76
C ASP C 67 34.90 -21.84 -4.39
N THR C 68 33.65 -22.29 -4.35
CA THR C 68 32.90 -22.38 -3.11
C THR C 68 32.05 -23.65 -3.16
N GLU C 69 31.89 -24.29 -2.01
CA GLU C 69 31.09 -25.51 -1.91
C GLU C 69 29.68 -25.13 -1.53
N TYR C 70 28.73 -25.80 -2.17
CA TYR C 70 27.31 -25.57 -1.99
C TYR C 70 26.54 -26.82 -1.65
N ILE C 71 25.46 -26.67 -0.91
CA ILE C 71 24.62 -27.79 -0.54
C ILE C 71 23.18 -27.50 -0.95
N VAL C 72 22.62 -28.38 -1.77
CA VAL C 72 21.25 -28.17 -2.25
C VAL C 72 20.29 -29.32 -2.00
N HIS C 73 19.07 -28.97 -1.59
CA HIS C 73 18.01 -29.94 -1.34
C HIS C 73 16.90 -29.59 -2.32
N VAL C 74 16.17 -30.61 -2.76
CA VAL C 74 15.06 -30.42 -3.68
C VAL C 74 13.83 -31.05 -3.06
N GLN C 75 12.66 -30.48 -3.34
CA GLN C 75 11.39 -30.98 -2.81
C GLN C 75 10.38 -31.00 -3.95
N ALA C 76 9.55 -32.04 -3.98
CA ALA C 76 8.55 -32.15 -5.02
C ALA C 76 7.25 -31.62 -4.44
N ILE C 77 6.48 -30.96 -5.29
CA ILE C 77 5.22 -30.36 -4.87
C ILE C 77 4.12 -30.95 -5.73
N SER C 78 2.96 -31.16 -5.13
CA SER C 78 1.82 -31.68 -5.88
C SER C 78 0.66 -30.80 -5.50
N ILE C 79 -0.47 -30.98 -6.17
CA ILE C 79 -1.63 -30.18 -5.91
C ILE C 79 -2.14 -30.40 -4.49
N GLN C 80 -1.85 -31.58 -3.93
CA GLN C 80 -2.30 -31.93 -2.59
C GLN C 80 -1.35 -31.71 -1.42
N GLY C 81 -0.06 -31.88 -1.66
CA GLY C 81 0.91 -31.70 -0.60
C GLY C 81 2.30 -31.45 -1.11
N GLN C 82 3.27 -31.74 -0.25
CA GLN C 82 4.67 -31.52 -0.58
C GLN C 82 5.42 -32.74 -0.06
N SER C 83 6.50 -33.09 -0.73
CA SER C 83 7.29 -34.24 -0.31
C SER C 83 8.34 -33.82 0.71
N PRO C 84 9.09 -34.80 1.24
CA PRO C 84 10.14 -34.49 2.21
C PRO C 84 11.33 -34.10 1.38
N ALA C 85 12.37 -33.59 2.03
CA ALA C 85 13.55 -33.19 1.28
C ALA C 85 14.23 -34.38 0.60
N SER C 86 14.86 -34.09 -0.54
CA SER C 86 15.60 -35.11 -1.27
C SER C 86 16.86 -35.20 -0.43
N GLU C 87 17.79 -36.04 -0.85
CA GLU C 87 19.05 -36.17 -0.13
C GLU C 87 19.89 -34.96 -0.51
N PRO C 88 20.68 -34.45 0.43
CA PRO C 88 21.53 -33.28 0.19
C PRO C 88 22.43 -33.58 -1.00
N VAL C 89 22.67 -32.60 -1.85
CA VAL C 89 23.55 -32.80 -2.98
C VAL C 89 24.66 -31.79 -2.80
N LEU C 90 25.90 -32.25 -2.72
CA LEU C 90 27.02 -31.34 -2.53
C LEU C 90 27.77 -31.11 -3.84
N PHE C 91 28.43 -29.96 -3.96
CA PHE C 91 29.21 -29.67 -5.15
C PHE C 91 30.05 -28.43 -4.92
N LYS C 92 31.03 -28.23 -5.78
CA LYS C 92 31.93 -27.10 -5.63
C LYS C 92 32.18 -26.44 -6.97
N THR C 93 32.23 -25.11 -6.96
CA THR C 93 32.47 -24.37 -8.19
C THR C 93 33.97 -24.08 -8.38
N PRO C 94 34.45 -24.16 -9.64
CA PRO C 94 35.86 -23.91 -9.97
C PRO C 94 36.18 -22.40 -9.94
N ARG C 95 37.35 -22.00 -10.43
CA ARG C 95 37.74 -20.58 -10.43
C ARG C 95 37.46 -19.80 -11.72
N SER D 2 5.12 -4.20 9.71
CA SER D 2 5.96 -2.98 9.92
C SER D 2 6.80 -2.59 8.69
N PRO D 3 7.35 -3.57 7.94
CA PRO D 3 8.15 -3.19 6.77
C PRO D 3 7.23 -2.87 5.58
N SER D 4 7.56 -1.79 4.89
CA SER D 4 6.81 -1.36 3.74
C SER D 4 7.26 -2.11 2.50
N ALA D 5 6.38 -2.17 1.50
CA ALA D 5 6.70 -2.84 0.25
C ALA D 5 7.84 -2.10 -0.43
N PRO D 6 8.66 -2.81 -1.21
CA PRO D 6 9.79 -2.25 -1.94
C PRO D 6 9.23 -1.19 -2.90
N VAL D 7 10.04 -0.22 -3.30
CA VAL D 7 9.59 0.82 -4.24
C VAL D 7 10.61 0.95 -5.39
N ASN D 8 10.27 1.75 -6.39
CA ASN D 8 11.10 1.95 -7.58
C ASN D 8 11.58 0.64 -8.16
N VAL D 9 10.66 -0.32 -8.25
CA VAL D 9 11.00 -1.61 -8.81
C VAL D 9 11.14 -1.42 -10.33
N THR D 10 12.31 -1.75 -10.84
CA THR D 10 12.61 -1.59 -12.26
C THR D 10 13.31 -2.84 -12.77
N VAL D 11 13.22 -3.06 -14.08
CA VAL D 11 13.86 -4.21 -14.70
C VAL D 11 14.86 -3.66 -15.71
N ARG D 12 16.12 -4.05 -15.54
CA ARG D 12 17.21 -3.61 -16.40
C ARG D 12 17.93 -4.81 -16.98
N HIS D 13 18.98 -4.56 -17.76
CA HIS D 13 19.77 -5.62 -18.39
C HIS D 13 18.88 -6.59 -19.14
N LEU D 14 17.82 -6.05 -19.71
CA LEU D 14 16.87 -6.84 -20.48
C LEU D 14 17.50 -7.57 -21.66
N LYS D 15 17.59 -8.88 -21.58
CA LYS D 15 18.12 -9.64 -22.71
C LYS D 15 16.96 -10.50 -23.17
N ALA D 16 17.19 -11.37 -24.15
CA ALA D 16 16.12 -12.21 -24.65
C ALA D 16 15.72 -13.35 -23.69
N ASN D 17 16.67 -13.81 -22.88
CA ASN D 17 16.39 -14.89 -21.94
C ASN D 17 16.72 -14.56 -20.47
N SER D 18 17.05 -13.30 -20.20
CA SER D 18 17.40 -12.92 -18.84
C SER D 18 17.04 -11.46 -18.56
N ALA D 19 17.10 -11.09 -17.28
CA ALA D 19 16.84 -9.71 -16.87
C ALA D 19 17.29 -9.53 -15.44
N VAL D 20 17.24 -8.30 -14.97
CA VAL D 20 17.66 -8.01 -13.62
C VAL D 20 16.65 -7.07 -13.01
N VAL D 21 16.08 -7.49 -11.89
CA VAL D 21 15.10 -6.69 -11.19
C VAL D 21 15.80 -6.01 -10.06
N SER D 22 15.50 -4.74 -9.85
CA SER D 22 16.12 -4.02 -8.76
C SER D 22 15.04 -3.21 -8.10
N TRP D 23 15.32 -2.75 -6.88
CA TRP D 23 14.32 -2.01 -6.14
C TRP D 23 14.97 -1.29 -4.99
N ASP D 24 14.21 -0.41 -4.36
CA ASP D 24 14.65 0.34 -3.19
C ASP D 24 13.72 -0.12 -2.08
N VAL D 25 14.12 0.15 -0.86
CA VAL D 25 13.36 -0.23 0.30
C VAL D 25 13.27 1.01 1.16
N LEU D 26 12.15 1.22 1.84
CA LEU D 26 12.02 2.42 2.67
C LEU D 26 12.82 2.37 3.97
N GLU D 27 12.83 1.22 4.63
CA GLU D 27 13.58 1.13 5.87
C GLU D 27 14.68 0.07 5.81
N ASP D 28 15.86 0.50 5.38
CA ASP D 28 17.00 -0.39 5.25
C ASP D 28 17.47 -1.03 6.58
N GLU D 29 17.14 -0.42 7.72
CA GLU D 29 17.57 -0.93 9.04
C GLU D 29 17.05 -2.30 9.41
N VAL D 30 15.84 -2.62 8.96
CA VAL D 30 15.23 -3.88 9.31
C VAL D 30 15.25 -4.91 8.19
N VAL D 31 15.62 -4.50 6.98
CA VAL D 31 15.60 -5.42 5.87
C VAL D 31 16.79 -6.37 5.75
N ILE D 32 16.48 -7.66 5.56
CA ILE D 32 17.53 -8.67 5.44
C ILE D 32 17.46 -9.55 4.19
N GLY D 33 16.50 -9.25 3.32
CA GLY D 33 16.35 -10.04 2.12
C GLY D 33 15.13 -9.65 1.31
N PHE D 34 14.74 -10.52 0.40
CA PHE D 34 13.60 -10.23 -0.45
C PHE D 34 12.99 -11.51 -0.98
N ALA D 35 11.84 -11.37 -1.64
CA ALA D 35 11.15 -12.47 -2.26
C ALA D 35 10.60 -11.90 -3.56
N ILE D 36 10.87 -12.56 -4.67
CA ILE D 36 10.39 -12.09 -5.95
C ILE D 36 9.39 -13.07 -6.52
N SER D 37 8.37 -12.53 -7.16
CA SER D 37 7.34 -13.34 -7.80
C SER D 37 7.50 -13.12 -9.31
N GLN D 38 7.47 -14.19 -10.08
CA GLN D 38 7.63 -14.06 -11.53
C GLN D 38 6.68 -14.96 -12.28
N GLN D 39 6.06 -14.43 -13.33
CA GLN D 39 5.13 -15.20 -14.15
C GLN D 39 5.04 -14.53 -15.51
N LYS D 40 4.60 -15.25 -16.53
CA LYS D 40 4.43 -14.61 -17.82
C LYS D 40 3.06 -13.96 -17.75
N LYS D 41 2.84 -12.96 -18.60
CA LYS D 41 1.56 -12.28 -18.66
C LYS D 41 0.53 -13.36 -19.04
N ASP D 42 0.84 -14.17 -20.05
CA ASP D 42 -0.01 -15.28 -20.49
C ASP D 42 0.44 -16.39 -19.52
N VAL D 43 -0.12 -16.34 -18.32
CA VAL D 43 0.21 -17.27 -17.24
C VAL D 43 0.21 -18.76 -17.42
N ARG D 44 1.23 -19.40 -16.87
CA ARG D 44 1.34 -20.85 -16.86
C ARG D 44 2.20 -21.17 -15.65
N MSE D 45 3.52 -21.14 -15.82
CA MSE D 45 4.38 -21.45 -14.70
C MSE D 45 4.50 -20.27 -13.77
O MSE D 45 4.47 -19.11 -14.22
CB MSE D 45 5.74 -21.89 -15.21
CG MSE D 45 6.72 -22.27 -14.11
SE MSE D 45 7.84 -20.84 -13.54
CE MSE D 45 9.12 -20.91 -14.99
N LEU D 46 4.64 -20.54 -12.48
CA LEU D 46 4.77 -19.50 -11.45
C LEU D 46 6.07 -19.73 -10.69
N ARG D 47 7.01 -18.81 -10.83
CA ARG D 47 8.30 -18.90 -10.17
C ARG D 47 8.33 -17.96 -8.95
N PHE D 48 8.99 -18.40 -7.88
CA PHE D 48 9.09 -17.59 -6.67
C PHE D 48 10.53 -17.75 -6.16
N ILE D 49 11.21 -16.62 -5.97
CA ILE D 49 12.60 -16.61 -5.52
C ILE D 49 12.75 -15.87 -4.21
N GLN D 50 13.57 -16.39 -3.32
CA GLN D 50 13.79 -15.76 -2.02
C GLN D 50 15.23 -15.82 -1.59
N GLU D 51 15.69 -14.76 -0.95
CA GLU D 51 17.04 -14.76 -0.42
C GLU D 51 16.95 -14.14 0.96
N VAL D 52 17.54 -14.81 1.93
CA VAL D 52 17.54 -14.34 3.30
C VAL D 52 18.98 -14.11 3.76
N ASN D 53 19.21 -13.01 4.47
CA ASN D 53 20.53 -12.62 4.97
C ASN D 53 21.38 -12.10 3.82
N THR D 54 20.90 -11.05 3.16
CA THR D 54 21.62 -10.45 2.05
C THR D 54 21.30 -8.97 2.00
N THR D 55 22.24 -8.17 1.53
CA THR D 55 22.08 -6.73 1.46
C THR D 55 21.76 -6.28 0.04
N THR D 56 21.76 -7.23 -0.90
CA THR D 56 21.50 -6.92 -2.30
C THR D 56 20.14 -6.24 -2.50
N ARG D 57 20.05 -5.49 -3.60
CA ARG D 57 18.83 -4.78 -3.94
C ARG D 57 18.46 -5.10 -5.39
N SER D 58 18.95 -6.24 -5.85
CA SER D 58 18.69 -6.69 -7.21
C SER D 58 18.77 -8.22 -7.29
N CYS D 59 18.07 -8.78 -8.27
CA CYS D 59 18.05 -10.22 -8.46
C CYS D 59 17.95 -10.55 -9.95
N ALA D 60 18.72 -11.55 -10.40
CA ALA D 60 18.70 -11.96 -11.80
C ALA D 60 17.56 -12.95 -12.05
N LEU D 61 16.85 -12.77 -13.17
CA LEU D 61 15.77 -13.67 -13.55
C LEU D 61 16.35 -14.37 -14.78
N TRP D 62 16.39 -15.70 -14.75
CA TRP D 62 16.97 -16.48 -15.82
C TRP D 62 15.99 -17.34 -16.62
N ASP D 63 16.51 -17.98 -17.65
CA ASP D 63 15.74 -18.84 -18.54
C ASP D 63 14.39 -18.24 -18.94
N LEU D 64 14.39 -16.97 -19.31
CA LEU D 64 13.16 -16.32 -19.75
C LEU D 64 12.98 -16.61 -21.24
N GLU D 65 11.74 -16.70 -21.67
CA GLU D 65 11.42 -16.95 -23.06
C GLU D 65 11.54 -15.63 -23.82
N GLU D 66 12.11 -15.67 -25.02
CA GLU D 66 12.29 -14.45 -25.80
C GLU D 66 11.00 -13.81 -26.29
N ASP D 67 11.08 -12.52 -26.56
CA ASP D 67 9.94 -11.77 -27.05
C ASP D 67 8.67 -12.12 -26.26
N THR D 68 8.78 -12.14 -24.94
CA THR D 68 7.66 -12.48 -24.08
C THR D 68 7.43 -11.46 -22.98
N GLU D 69 6.17 -11.23 -22.61
CA GLU D 69 5.85 -10.30 -21.56
C GLU D 69 5.81 -11.02 -20.22
N TYR D 70 6.38 -10.38 -19.20
CA TYR D 70 6.44 -10.96 -17.87
C TYR D 70 5.92 -9.96 -16.85
N ILE D 71 5.45 -10.48 -15.72
CA ILE D 71 4.96 -9.64 -14.65
C ILE D 71 5.68 -10.10 -13.39
N VAL D 72 6.31 -9.17 -12.69
CA VAL D 72 7.02 -9.52 -11.47
C VAL D 72 6.70 -8.52 -10.37
N HIS D 73 6.87 -8.94 -9.12
CA HIS D 73 6.72 -8.04 -7.99
C HIS D 73 7.68 -8.53 -6.92
N VAL D 74 7.99 -7.64 -5.98
CA VAL D 74 8.97 -7.93 -4.94
C VAL D 74 8.48 -7.63 -3.54
N GLN D 75 8.89 -8.45 -2.59
CA GLN D 75 8.54 -8.27 -1.18
C GLN D 75 9.84 -8.06 -0.43
N ALA D 76 9.79 -7.32 0.68
CA ALA D 76 10.98 -7.15 1.49
C ALA D 76 10.88 -8.15 2.63
N ILE D 77 11.98 -8.80 2.95
CA ILE D 77 12.00 -9.76 4.06
C ILE D 77 12.75 -9.00 5.14
N SER D 78 12.10 -8.76 6.27
CA SER D 78 12.71 -8.00 7.35
C SER D 78 12.77 -8.77 8.67
N ILE D 79 13.39 -8.17 9.69
CA ILE D 79 13.47 -8.82 11.00
C ILE D 79 12.12 -8.65 11.69
N GLN D 80 11.14 -8.12 10.94
CA GLN D 80 9.79 -7.92 11.46
C GLN D 80 8.78 -8.56 10.53
N GLY D 81 9.18 -9.62 9.85
CA GLY D 81 8.28 -10.30 8.94
C GLY D 81 8.37 -9.82 7.49
N GLN D 82 7.47 -10.31 6.64
CA GLN D 82 7.47 -9.91 5.25
C GLN D 82 6.65 -8.68 4.98
N SER D 83 7.06 -7.93 3.97
CA SER D 83 6.36 -6.72 3.56
C SER D 83 5.28 -7.12 2.59
N PRO D 84 4.33 -6.22 2.32
CA PRO D 84 3.33 -6.63 1.34
C PRO D 84 4.12 -6.53 0.06
N ALA D 85 3.61 -7.13 -1.01
CA ALA D 85 4.30 -7.11 -2.30
C ALA D 85 4.30 -5.70 -2.89
N SER D 86 5.29 -5.41 -3.73
CA SER D 86 5.38 -4.11 -4.37
C SER D 86 4.37 -4.08 -5.49
N GLU D 87 4.30 -2.92 -6.14
CA GLU D 87 3.44 -2.72 -7.27
C GLU D 87 4.06 -3.65 -8.34
N PRO D 88 3.23 -4.37 -9.11
CA PRO D 88 3.76 -5.28 -10.14
C PRO D 88 4.37 -4.52 -11.29
N VAL D 89 5.39 -5.11 -11.91
CA VAL D 89 6.10 -4.49 -13.02
C VAL D 89 6.01 -5.38 -14.26
N LEU D 90 5.51 -4.80 -15.35
CA LEU D 90 5.36 -5.49 -16.65
C LEU D 90 6.58 -5.17 -17.50
N PHE D 91 7.09 -6.16 -18.21
CA PHE D 91 8.21 -5.91 -19.12
C PHE D 91 8.18 -6.99 -20.18
N LYS D 92 8.89 -6.76 -21.28
CA LYS D 92 8.92 -7.72 -22.37
C LYS D 92 10.35 -8.00 -22.80
N THR D 93 10.67 -9.26 -23.04
CA THR D 93 12.01 -9.64 -23.48
C THR D 93 12.14 -9.37 -24.96
N PRO D 94 13.33 -8.97 -25.42
CA PRO D 94 13.54 -8.71 -26.84
C PRO D 94 13.65 -10.05 -27.57
N ARG D 95 13.84 -10.02 -28.88
CA ARG D 95 13.94 -11.24 -29.67
C ARG D 95 15.37 -11.82 -29.66
N SER E 2 -48.34 55.66 0.69
CA SER E 2 -47.11 55.60 -0.15
C SER E 2 -45.92 54.97 0.61
N PRO E 3 -44.99 54.31 -0.12
CA PRO E 3 -43.83 53.69 0.54
C PRO E 3 -42.74 54.69 0.94
N SER E 4 -42.53 54.80 2.24
CA SER E 4 -41.56 55.73 2.82
C SER E 4 -40.10 55.39 2.68
N ALA E 5 -39.28 56.42 2.52
CA ALA E 5 -37.84 56.23 2.39
C ALA E 5 -37.21 55.75 3.68
N PRO E 6 -36.06 55.06 3.58
CA PRO E 6 -35.38 54.57 4.77
C PRO E 6 -34.80 55.82 5.38
N VAL E 7 -34.42 55.77 6.65
CA VAL E 7 -33.84 56.93 7.32
C VAL E 7 -32.63 56.49 8.15
N ASN E 8 -31.87 57.46 8.66
CA ASN E 8 -30.69 57.19 9.46
C ASN E 8 -29.69 56.23 8.81
N VAL E 9 -29.49 56.41 7.50
CA VAL E 9 -28.57 55.61 6.71
C VAL E 9 -27.16 55.90 7.21
N THR E 10 -26.48 54.88 7.69
CA THR E 10 -25.15 55.06 8.26
C THR E 10 -24.13 54.08 7.72
N VAL E 11 -22.88 54.51 7.76
CA VAL E 11 -21.77 53.68 7.32
C VAL E 11 -21.01 53.26 8.56
N ARG E 12 -20.90 51.96 8.80
CA ARG E 12 -20.15 51.45 9.94
C ARG E 12 -19.09 50.50 9.41
N HIS E 13 -18.32 49.90 10.31
CA HIS E 13 -17.24 48.98 9.96
C HIS E 13 -16.55 49.48 8.70
N LEU E 14 -16.23 50.77 8.70
CA LEU E 14 -15.57 51.36 7.54
C LEU E 14 -14.10 50.96 7.53
N LYS E 15 -13.64 50.44 6.39
CA LYS E 15 -12.24 50.05 6.22
C LYS E 15 -11.79 50.70 4.93
N ALA E 16 -10.55 50.45 4.54
CA ALA E 16 -10.00 51.03 3.32
C ALA E 16 -10.65 50.48 2.06
N ASN E 17 -11.26 49.30 2.18
CA ASN E 17 -11.91 48.63 1.06
C ASN E 17 -13.34 48.25 1.39
N SER E 18 -13.55 47.78 2.63
CA SER E 18 -14.85 47.36 3.13
C SER E 18 -15.70 48.51 3.68
N ALA E 19 -16.94 48.19 4.08
CA ALA E 19 -17.90 49.16 4.63
C ALA E 19 -19.29 48.54 4.74
N VAL E 20 -20.00 48.81 5.83
CA VAL E 20 -21.34 48.28 6.01
C VAL E 20 -22.36 49.41 6.14
N VAL E 21 -23.34 49.40 5.25
CA VAL E 21 -24.36 50.43 5.30
C VAL E 21 -25.57 49.86 6.01
N SER E 22 -26.16 50.67 6.89
CA SER E 22 -27.34 50.26 7.63
C SER E 22 -28.35 51.41 7.64
N TRP E 23 -29.59 51.07 7.92
CA TRP E 23 -30.65 52.05 7.91
C TRP E 23 -31.81 51.61 8.78
N ASP E 24 -32.76 52.52 8.94
CA ASP E 24 -33.95 52.27 9.72
C ASP E 24 -35.14 52.52 8.83
N VAL E 25 -36.27 51.90 9.16
CA VAL E 25 -37.49 52.16 8.41
C VAL E 25 -38.51 52.67 9.43
N LEU E 26 -39.51 53.39 8.96
CA LEU E 26 -40.53 53.94 9.84
C LEU E 26 -41.45 52.90 10.43
N GLU E 27 -42.14 53.34 11.47
CA GLU E 27 -43.07 52.56 12.27
C GLU E 27 -43.87 51.39 11.71
N ASP E 28 -44.95 51.64 11.00
CA ASP E 28 -45.78 50.53 10.55
C ASP E 28 -45.52 49.98 9.16
N GLU E 29 -44.35 50.29 8.60
CA GLU E 29 -44.00 49.83 7.27
C GLU E 29 -43.80 48.31 7.17
N VAL E 30 -44.38 47.73 6.12
CA VAL E 30 -44.22 46.31 5.88
C VAL E 30 -43.18 46.25 4.78
N VAL E 31 -41.92 46.11 5.19
CA VAL E 31 -40.78 46.06 4.28
C VAL E 31 -40.29 44.65 3.97
N ILE E 32 -40.14 44.38 2.68
CA ILE E 32 -39.67 43.08 2.20
C ILE E 32 -38.34 43.15 1.45
N GLY E 33 -37.68 44.30 1.47
CA GLY E 33 -36.41 44.37 0.76
C GLY E 33 -35.82 45.76 0.71
N PHE E 34 -34.75 45.92 -0.05
CA PHE E 34 -34.09 47.21 -0.15
C PHE E 34 -33.28 47.32 -1.43
N ALA E 35 -32.77 48.51 -1.68
CA ALA E 35 -31.91 48.76 -2.83
C ALA E 35 -30.95 49.88 -2.44
N ILE E 36 -29.70 49.67 -2.80
CA ILE E 36 -28.59 50.58 -2.50
C ILE E 36 -28.01 51.12 -3.79
N SER E 37 -27.70 52.42 -3.81
CA SER E 37 -27.08 53.01 -4.98
C SER E 37 -25.72 53.46 -4.48
N GLN E 38 -24.68 53.24 -5.28
CA GLN E 38 -23.32 53.61 -4.88
C GLN E 38 -22.48 54.13 -6.01
N GLN E 39 -21.65 55.12 -5.71
CA GLN E 39 -20.72 55.69 -6.70
C GLN E 39 -19.62 56.50 -6.07
N LYS E 40 -18.46 56.50 -6.71
CA LYS E 40 -17.32 57.25 -6.23
C LYS E 40 -17.63 58.72 -6.43
N LYS E 41 -16.88 59.56 -5.73
CA LYS E 41 -17.05 61.01 -5.81
C LYS E 41 -17.21 61.55 -7.23
N ASP E 42 -16.15 61.51 -8.01
CA ASP E 42 -16.18 62.05 -9.37
C ASP E 42 -16.41 61.06 -10.53
N VAL E 43 -16.28 59.77 -10.26
CA VAL E 43 -16.47 58.74 -11.28
C VAL E 43 -17.89 58.82 -11.84
N ARG E 44 -18.09 58.23 -13.01
CA ARG E 44 -19.40 58.22 -13.66
C ARG E 44 -19.98 56.80 -13.61
N MSE E 45 -19.28 55.90 -12.93
CA MSE E 45 -19.73 54.51 -12.80
C MSE E 45 -20.64 54.39 -11.58
O MSE E 45 -20.31 54.88 -10.49
CB MSE E 45 -18.52 53.57 -12.66
CG MSE E 45 -18.86 52.09 -12.90
SE MSE E 45 -18.84 50.99 -11.31
CE MSE E 45 -20.64 50.37 -11.31
N LEU E 46 -21.76 53.72 -11.78
CA LEU E 46 -22.78 53.50 -10.75
C LEU E 46 -22.99 52.03 -10.40
N ARG E 47 -23.02 51.72 -9.10
CA ARG E 47 -23.23 50.35 -8.66
C ARG E 47 -24.54 50.29 -7.89
N PHE E 48 -25.31 49.25 -8.18
CA PHE E 48 -26.63 49.05 -7.60
C PHE E 48 -26.77 47.65 -7.01
N ILE E 49 -27.30 47.58 -5.79
CA ILE E 49 -27.52 46.30 -5.12
C ILE E 49 -28.96 46.28 -4.66
N GLN E 50 -29.67 45.23 -5.04
CA GLN E 50 -31.06 45.12 -4.64
C GLN E 50 -31.34 43.74 -4.06
N GLU E 51 -32.00 43.69 -2.91
CA GLU E 51 -32.34 42.40 -2.33
C GLU E 51 -33.82 42.40 -2.04
N VAL E 52 -34.48 41.35 -2.50
CA VAL E 52 -35.91 41.21 -2.33
C VAL E 52 -36.24 40.00 -1.49
N ASN E 53 -37.22 40.17 -0.60
CA ASN E 53 -37.71 39.12 0.31
C ASN E 53 -36.70 38.86 1.40
N THR E 54 -36.30 39.94 2.05
CA THR E 54 -35.33 39.90 3.13
C THR E 54 -35.77 40.97 4.12
N THR E 55 -35.48 40.76 5.40
CA THR E 55 -35.85 41.76 6.40
C THR E 55 -34.61 42.42 6.99
N THR E 56 -33.46 42.18 6.37
CA THR E 56 -32.23 42.78 6.85
C THR E 56 -32.34 44.30 6.90
N ARG E 57 -31.42 44.93 7.63
CA ARG E 57 -31.36 46.38 7.73
C ARG E 57 -29.95 46.87 7.48
N SER E 58 -29.15 46.04 6.83
CA SER E 58 -27.80 46.43 6.47
C SER E 58 -27.34 45.66 5.26
N CYS E 59 -26.32 46.21 4.62
CA CYS E 59 -25.77 45.61 3.43
C CYS E 59 -24.30 45.94 3.38
N ALA E 60 -23.48 44.92 3.12
CA ALA E 60 -22.05 45.10 3.05
C ALA E 60 -21.67 45.69 1.72
N LEU E 61 -20.62 46.51 1.71
CA LEU E 61 -20.11 47.09 0.46
C LEU E 61 -18.67 46.64 0.38
N TRP E 62 -18.36 45.84 -0.62
CA TRP E 62 -17.02 45.32 -0.81
C TRP E 62 -16.41 45.98 -2.02
N ASP E 63 -15.15 45.65 -2.27
CA ASP E 63 -14.46 46.16 -3.44
C ASP E 63 -14.39 47.68 -3.57
N LEU E 64 -14.05 48.36 -2.47
CA LEU E 64 -13.95 49.81 -2.50
C LEU E 64 -12.49 50.23 -2.49
N GLU E 65 -12.19 51.29 -3.23
CA GLU E 65 -10.84 51.83 -3.30
C GLU E 65 -10.53 52.50 -1.97
N GLU E 66 -9.25 52.56 -1.60
CA GLU E 66 -8.90 53.20 -0.35
C GLU E 66 -8.83 54.70 -0.62
N ASP E 67 -8.83 55.48 0.46
CA ASP E 67 -8.78 56.94 0.39
C ASP E 67 -9.59 57.51 -0.77
N THR E 68 -10.86 57.15 -0.84
CA THR E 68 -11.74 57.68 -1.89
C THR E 68 -13.08 58.00 -1.28
N GLU E 69 -13.77 58.99 -1.86
CA GLU E 69 -15.06 59.43 -1.37
C GLU E 69 -16.21 58.74 -2.11
N TYR E 70 -17.19 58.28 -1.34
CA TYR E 70 -18.35 57.60 -1.91
C TYR E 70 -19.67 58.24 -1.52
N ILE E 71 -20.70 58.00 -2.33
CA ILE E 71 -22.04 58.52 -2.06
C ILE E 71 -23.02 57.35 -2.17
N VAL E 72 -23.72 57.07 -1.08
CA VAL E 72 -24.64 55.96 -1.02
C VAL E 72 -26.06 56.34 -0.64
N HIS E 73 -27.03 55.87 -1.41
CA HIS E 73 -28.46 56.13 -1.14
C HIS E 73 -29.13 54.79 -0.90
N VAL E 74 -30.20 54.80 -0.12
CA VAL E 74 -30.92 53.57 0.12
C VAL E 74 -32.41 53.79 -0.12
N GLN E 75 -33.07 52.78 -0.69
CA GLN E 75 -34.51 52.83 -0.95
C GLN E 75 -35.02 51.58 -0.29
N ALA E 76 -36.28 51.60 0.11
CA ALA E 76 -36.86 50.43 0.76
C ALA E 76 -37.95 49.87 -0.15
N ILE E 77 -38.10 48.54 -0.12
CA ILE E 77 -39.11 47.90 -0.92
C ILE E 77 -40.14 47.40 0.09
N SER E 78 -41.38 47.80 -0.09
CA SER E 78 -42.40 47.38 0.83
C SER E 78 -43.55 46.79 0.04
N ILE E 79 -44.59 46.39 0.74
CA ILE E 79 -45.73 45.81 0.08
C ILE E 79 -46.41 46.89 -0.78
N GLN E 80 -46.04 48.15 -0.57
CA GLN E 80 -46.63 49.25 -1.36
C GLN E 80 -45.75 49.64 -2.51
N GLY E 81 -44.70 48.87 -2.74
CA GLY E 81 -43.81 49.18 -3.84
C GLY E 81 -42.47 49.71 -3.38
N GLN E 82 -41.80 50.42 -4.28
CA GLN E 82 -40.50 50.97 -3.97
C GLN E 82 -40.57 52.40 -3.46
N SER E 83 -39.77 52.71 -2.45
CA SER E 83 -39.77 54.05 -1.90
C SER E 83 -38.77 54.92 -2.60
N PRO E 84 -38.84 56.23 -2.34
CA PRO E 84 -37.88 57.13 -2.97
C PRO E 84 -36.58 56.87 -2.24
N ALA E 85 -35.50 57.46 -2.73
CA ALA E 85 -34.20 57.30 -2.10
C ALA E 85 -34.10 58.08 -0.79
N SER E 86 -33.34 57.52 0.14
CA SER E 86 -33.11 58.13 1.43
C SER E 86 -32.20 59.31 1.16
N GLU E 87 -31.88 60.05 2.21
CA GLU E 87 -30.95 61.17 2.07
C GLU E 87 -29.66 60.40 1.84
N PRO E 88 -28.77 60.94 0.99
CA PRO E 88 -27.49 60.32 0.66
C PRO E 88 -26.48 60.38 1.79
N VAL E 89 -25.75 59.30 2.01
CA VAL E 89 -24.72 59.32 3.05
C VAL E 89 -23.38 59.38 2.35
N LEU E 90 -22.55 60.31 2.78
CA LEU E 90 -21.23 60.49 2.21
C LEU E 90 -20.21 59.97 3.20
N PHE E 91 -19.08 59.50 2.68
CA PHE E 91 -18.01 58.98 3.52
C PHE E 91 -16.79 58.67 2.67
N LYS E 92 -15.63 58.72 3.30
CA LYS E 92 -14.38 58.45 2.62
C LYS E 92 -13.80 57.19 3.25
N THR E 93 -12.92 56.54 2.51
CA THR E 93 -12.29 55.32 3.00
C THR E 93 -10.90 55.67 3.51
N PRO E 94 -10.44 54.98 4.56
CA PRO E 94 -9.13 55.14 5.21
C PRO E 94 -8.03 54.85 4.18
N ARG E 95 -6.79 54.68 4.67
CA ARG E 95 -5.64 54.36 3.81
C ARG E 95 -5.04 52.98 4.18
N SER F 2 -33.23 46.51 -28.11
CA SER F 2 -32.67 45.83 -26.92
C SER F 2 -31.41 45.05 -27.25
N PRO F 3 -30.43 45.05 -26.33
CA PRO F 3 -29.16 44.34 -26.51
C PRO F 3 -29.43 42.85 -26.38
N SER F 4 -28.50 42.03 -26.88
CA SER F 4 -28.69 40.58 -26.80
C SER F 4 -28.25 40.08 -25.42
N ALA F 5 -28.88 39.00 -24.96
CA ALA F 5 -28.52 38.39 -23.70
C ALA F 5 -27.04 37.99 -23.78
N PRO F 6 -26.34 37.96 -22.65
CA PRO F 6 -24.92 37.59 -22.60
C PRO F 6 -24.85 36.08 -22.74
N VAL F 7 -23.67 35.56 -23.05
CA VAL F 7 -23.51 34.13 -23.22
C VAL F 7 -22.26 33.61 -22.53
N ASN F 8 -22.10 32.29 -22.52
CA ASN F 8 -20.93 31.67 -21.92
C ASN F 8 -20.77 32.19 -20.49
N VAL F 9 -21.88 32.17 -19.75
CA VAL F 9 -21.89 32.62 -18.38
C VAL F 9 -21.36 31.48 -17.53
N THR F 10 -20.22 31.71 -16.91
CA THR F 10 -19.59 30.68 -16.09
C THR F 10 -19.07 31.24 -14.77
N VAL F 11 -18.95 30.39 -13.77
CA VAL F 11 -18.43 30.83 -12.49
C VAL F 11 -17.02 30.27 -12.32
N ARG F 12 -16.08 31.13 -11.96
CA ARG F 12 -14.69 30.72 -11.76
C ARG F 12 -14.26 31.05 -10.35
N HIS F 13 -13.10 30.54 -9.98
CA HIS F 13 -12.52 30.77 -8.66
C HIS F 13 -13.53 30.51 -7.56
N LEU F 14 -14.29 29.45 -7.72
CA LEU F 14 -15.31 29.06 -6.76
C LEU F 14 -14.66 28.66 -5.45
N LYS F 15 -15.17 29.21 -4.35
CA LYS F 15 -14.68 28.85 -3.02
C LYS F 15 -15.95 28.65 -2.23
N ALA F 16 -15.82 28.31 -0.96
CA ALA F 16 -16.98 28.07 -0.11
C ALA F 16 -17.89 29.29 0.08
N ASN F 17 -17.30 30.48 0.07
CA ASN F 17 -18.05 31.70 0.28
C ASN F 17 -17.88 32.76 -0.80
N SER F 18 -17.34 32.39 -1.95
CA SER F 18 -17.19 33.37 -3.02
C SER F 18 -17.05 32.73 -4.39
N ALA F 19 -17.11 33.55 -5.42
CA ALA F 19 -17.02 33.08 -6.80
C ALA F 19 -16.90 34.29 -7.71
N VAL F 20 -16.51 34.05 -8.96
CA VAL F 20 -16.42 35.13 -9.91
C VAL F 20 -17.29 34.65 -11.06
N VAL F 21 -18.27 35.45 -11.42
CA VAL F 21 -19.17 35.10 -12.51
C VAL F 21 -18.67 35.91 -13.68
N SER F 22 -18.48 35.28 -14.83
CA SER F 22 -18.03 36.04 -16.00
C SER F 22 -18.91 35.64 -17.17
N TRP F 23 -18.89 36.45 -18.22
CA TRP F 23 -19.74 36.20 -19.38
C TRP F 23 -19.14 36.81 -20.61
N ASP F 24 -19.75 36.55 -21.76
CA ASP F 24 -19.28 37.18 -23.00
C ASP F 24 -20.47 37.75 -23.72
N VAL F 25 -20.21 38.68 -24.62
CA VAL F 25 -21.28 39.28 -25.39
C VAL F 25 -20.99 39.02 -26.86
N LEU F 26 -22.05 38.93 -27.66
CA LEU F 26 -21.93 38.68 -29.08
C LEU F 26 -21.14 39.75 -29.78
N GLU F 27 -20.66 39.41 -30.97
CA GLU F 27 -19.89 40.33 -31.79
C GLU F 27 -20.83 41.45 -32.23
N ASP F 28 -20.30 42.66 -32.40
CA ASP F 28 -21.11 43.79 -32.82
C ASP F 28 -21.99 44.41 -31.75
N GLU F 29 -21.86 43.99 -30.51
CA GLU F 29 -22.67 44.56 -29.46
C GLU F 29 -21.80 45.55 -28.69
N VAL F 30 -22.42 46.63 -28.23
CA VAL F 30 -21.68 47.62 -27.47
C VAL F 30 -22.38 47.71 -26.12
N VAL F 31 -21.84 47.00 -25.13
CA VAL F 31 -22.46 47.04 -23.81
C VAL F 31 -21.62 47.86 -22.85
N ILE F 32 -22.31 48.63 -22.00
CA ILE F 32 -21.62 49.49 -21.04
C ILE F 32 -21.92 49.13 -19.58
N GLY F 33 -22.47 47.95 -19.35
CA GLY F 33 -22.79 47.52 -18.00
C GLY F 33 -23.42 46.14 -17.97
N PHE F 34 -23.83 45.71 -16.79
CA PHE F 34 -24.43 44.40 -16.64
C PHE F 34 -25.33 44.32 -15.41
N ALA F 35 -26.19 43.30 -15.37
CA ALA F 35 -27.02 43.08 -14.18
C ALA F 35 -27.00 41.59 -13.87
N ILE F 36 -26.51 41.28 -12.67
CA ILE F 36 -26.42 39.90 -12.19
C ILE F 36 -27.50 39.59 -11.15
N SER F 37 -28.15 38.44 -11.28
CA SER F 37 -29.14 38.07 -10.29
C SER F 37 -28.61 36.80 -9.65
N GLN F 38 -28.63 36.78 -8.33
CA GLN F 38 -28.11 35.66 -7.58
C GLN F 38 -29.17 35.13 -6.62
N GLN F 39 -29.48 33.84 -6.76
CA GLN F 39 -30.47 33.26 -5.90
C GLN F 39 -30.03 31.92 -5.38
N LYS F 40 -30.29 31.66 -4.10
CA LYS F 40 -29.95 30.38 -3.52
C LYS F 40 -31.11 29.44 -3.89
N LYS F 41 -30.79 28.32 -4.52
CA LYS F 41 -31.78 27.33 -4.95
C LYS F 41 -32.84 27.04 -3.88
N ASP F 42 -34.10 27.08 -4.30
CA ASP F 42 -35.26 26.81 -3.43
C ASP F 42 -35.56 27.85 -2.33
N VAL F 43 -34.82 28.95 -2.30
CA VAL F 43 -35.07 30.00 -1.32
C VAL F 43 -35.59 31.20 -2.13
N ARG F 44 -36.53 31.95 -1.58
CA ARG F 44 -37.10 33.07 -2.34
C ARG F 44 -36.49 34.45 -2.16
N MSE F 45 -35.25 34.49 -1.68
CA MSE F 45 -34.57 35.75 -1.49
C MSE F 45 -33.78 35.99 -2.77
O MSE F 45 -32.86 35.23 -3.10
CB MSE F 45 -33.61 35.67 -0.30
CG MSE F 45 -33.06 37.03 0.14
SE MSE F 45 -31.65 37.74 -0.96
CE MSE F 45 -30.14 36.88 -0.12
N LEU F 46 -34.14 37.04 -3.51
CA LEU F 46 -33.45 37.38 -4.76
C LEU F 46 -32.49 38.55 -4.55
N ARG F 47 -31.28 38.41 -5.07
CA ARG F 47 -30.29 39.49 -4.96
C ARG F 47 -29.83 39.93 -6.33
N PHE F 48 -29.87 41.23 -6.56
CA PHE F 48 -29.45 41.77 -7.84
C PHE F 48 -28.29 42.69 -7.62
N ILE F 49 -27.39 42.72 -8.59
CA ILE F 49 -26.26 43.62 -8.57
C ILE F 49 -26.21 44.19 -9.97
N GLN F 50 -26.07 45.50 -10.08
CA GLN F 50 -26.03 46.13 -11.40
C GLN F 50 -24.98 47.22 -11.41
N GLU F 51 -24.22 47.27 -12.49
CA GLU F 51 -23.18 48.28 -12.66
C GLU F 51 -23.34 48.88 -14.05
N VAL F 52 -23.34 50.21 -14.09
CA VAL F 52 -23.50 50.92 -15.34
C VAL F 52 -22.30 51.81 -15.59
N ASN F 53 -21.89 51.86 -16.84
CA ASN F 53 -20.74 52.64 -17.27
C ASN F 53 -19.45 51.91 -16.94
N THR F 54 -19.38 50.66 -17.35
CA THR F 54 -18.19 49.84 -17.12
C THR F 54 -18.03 48.83 -18.27
N THR F 55 -16.79 48.54 -18.64
CA THR F 55 -16.57 47.59 -19.72
C THR F 55 -16.23 46.22 -19.15
N THR F 56 -16.34 46.04 -17.84
CA THR F 56 -16.00 44.75 -17.24
C THR F 56 -16.86 43.60 -17.77
N ARG F 57 -16.33 42.38 -17.70
CA ARG F 57 -17.03 41.19 -18.16
C ARG F 57 -17.09 40.14 -17.06
N SER F 58 -16.83 40.56 -15.83
CA SER F 58 -16.94 39.63 -14.70
C SER F 58 -17.30 40.39 -13.45
N CYS F 59 -17.83 39.65 -12.49
CA CYS F 59 -18.27 40.23 -11.25
C CYS F 59 -18.05 39.28 -10.09
N ALA F 60 -17.39 39.78 -9.04
CA ALA F 60 -17.11 38.98 -7.86
C ALA F 60 -18.36 38.87 -6.99
N LEU F 61 -18.60 37.69 -6.40
CA LEU F 61 -19.73 37.47 -5.49
C LEU F 61 -19.01 37.14 -4.19
N TRP F 62 -19.34 37.88 -3.13
CA TRP F 62 -18.65 37.72 -1.87
C TRP F 62 -19.23 37.07 -0.62
N ASP F 63 -20.54 37.05 -0.47
CA ASP F 63 -21.01 36.48 0.76
C ASP F 63 -21.86 35.24 0.59
N LEU F 64 -21.28 34.26 -0.09
CA LEU F 64 -22.01 33.02 -0.34
C LEU F 64 -21.91 32.11 0.88
N GLU F 65 -22.90 31.26 1.01
CA GLU F 65 -22.98 30.30 2.08
C GLU F 65 -22.31 29.02 1.58
N GLU F 66 -21.59 28.34 2.46
CA GLU F 66 -20.89 27.12 2.08
C GLU F 66 -21.82 25.97 1.72
N ASP F 67 -21.35 25.07 0.87
CA ASP F 67 -22.13 23.89 0.47
C ASP F 67 -23.55 24.24 0.10
N THR F 68 -23.70 25.26 -0.74
CA THR F 68 -25.02 25.71 -1.15
C THR F 68 -25.17 25.83 -2.67
N GLU F 69 -26.36 25.50 -3.15
CA GLU F 69 -26.67 25.58 -4.57
C GLU F 69 -27.20 26.95 -4.98
N TYR F 70 -26.55 27.57 -5.97
CA TYR F 70 -26.98 28.88 -6.43
C TYR F 70 -27.40 28.89 -7.89
N ILE F 71 -28.24 29.87 -8.24
CA ILE F 71 -28.71 30.07 -9.60
C ILE F 71 -28.39 31.51 -9.95
N VAL F 72 -27.62 31.70 -11.01
CA VAL F 72 -27.21 33.02 -11.44
C VAL F 72 -27.53 33.33 -12.91
N HIS F 73 -28.08 34.53 -13.16
CA HIS F 73 -28.39 35.00 -14.51
C HIS F 73 -27.65 36.31 -14.73
N VAL F 74 -27.40 36.64 -15.98
CA VAL F 74 -26.72 37.88 -16.27
C VAL F 74 -27.45 38.58 -17.41
N GLN F 75 -27.48 39.90 -17.37
CA GLN F 75 -28.11 40.70 -18.42
C GLN F 75 -27.09 41.73 -18.85
N ALA F 76 -27.10 42.07 -20.14
CA ALA F 76 -26.17 43.06 -20.62
C ALA F 76 -26.92 44.37 -20.60
N ILE F 77 -26.19 45.47 -20.52
CA ILE F 77 -26.83 46.76 -20.51
C ILE F 77 -26.13 47.59 -21.56
N SER F 78 -26.93 48.20 -22.45
CA SER F 78 -26.39 49.06 -23.50
C SER F 78 -27.19 50.34 -23.39
N ILE F 79 -26.87 51.31 -24.24
CA ILE F 79 -27.60 52.58 -24.21
C ILE F 79 -29.06 52.34 -24.56
N GLN F 80 -29.37 51.14 -25.07
CA GLN F 80 -30.75 50.79 -25.41
C GLN F 80 -31.39 50.07 -24.24
N GLY F 81 -30.68 50.00 -23.11
CA GLY F 81 -31.25 49.34 -21.96
C GLY F 81 -30.70 47.95 -21.66
N GLN F 82 -31.51 47.18 -20.95
CA GLN F 82 -31.13 45.85 -20.55
C GLN F 82 -31.59 44.78 -21.51
N SER F 83 -30.80 43.72 -21.58
CA SER F 83 -31.10 42.59 -22.43
C SER F 83 -31.94 41.61 -21.67
N PRO F 84 -32.40 40.57 -22.37
CA PRO F 84 -33.20 39.52 -21.75
C PRO F 84 -32.15 38.84 -20.88
N ALA F 85 -32.58 38.02 -19.94
CA ALA F 85 -31.64 37.30 -19.07
C ALA F 85 -30.91 36.18 -19.82
N SER F 86 -29.64 35.99 -19.48
CA SER F 86 -28.84 34.94 -20.09
C SER F 86 -29.41 33.62 -19.62
N GLU F 87 -28.79 32.54 -20.10
CA GLU F 87 -29.19 31.21 -19.66
C GLU F 87 -28.56 31.18 -18.27
N PRO F 88 -29.26 30.59 -17.29
CA PRO F 88 -28.77 30.50 -15.91
C PRO F 88 -27.54 29.62 -15.74
N VAL F 89 -26.64 30.00 -14.83
CA VAL F 89 -25.50 29.15 -14.55
C VAL F 89 -25.84 28.60 -13.16
N LEU F 90 -25.82 27.29 -13.03
CA LEU F 90 -26.11 26.64 -11.76
C LEU F 90 -24.78 26.18 -11.17
N PHE F 91 -24.61 26.34 -9.88
CA PHE F 91 -23.38 25.88 -9.24
C PHE F 91 -23.62 25.68 -7.77
N LYS F 92 -22.64 25.08 -7.11
CA LYS F 92 -22.76 24.82 -5.69
C LYS F 92 -21.41 25.12 -5.06
N THR F 93 -21.44 25.93 -4.02
CA THR F 93 -20.20 26.29 -3.34
C THR F 93 -19.63 25.05 -2.66
N PRO F 94 -18.30 24.90 -2.67
CA PRO F 94 -17.72 23.72 -2.01
C PRO F 94 -17.94 23.75 -0.51
N ARG F 95 -17.76 22.60 0.13
CA ARG F 95 -17.93 22.48 1.57
C ARG F 95 -16.91 23.32 2.34
N GLU F 96 -17.36 23.85 3.48
CA GLU F 96 -16.53 24.68 4.32
C GLU F 96 -15.28 23.92 4.80
N ALA F 97 -14.11 24.54 4.65
CA ALA F 97 -12.84 23.91 5.04
C ALA F 97 -12.89 23.21 6.42
N GLU F 98 -12.76 21.89 6.40
CA GLU F 98 -12.78 21.05 7.59
C GLU F 98 -11.72 20.03 7.18
N LYS F 99 -10.56 20.14 7.83
CA LYS F 99 -9.43 19.35 7.43
C LYS F 99 -8.55 18.53 8.39
N SER G 2 -12.48 -55.83 10.30
CA SER G 2 -11.02 -56.05 10.15
C SER G 2 -10.45 -55.20 8.99
N PRO G 3 -9.28 -54.57 9.21
CA PRO G 3 -8.59 -53.72 8.23
C PRO G 3 -8.10 -54.59 7.09
N SER G 4 -7.95 -53.98 5.91
CA SER G 4 -7.44 -54.70 4.75
C SER G 4 -5.91 -54.75 4.85
N ALA G 5 -5.32 -55.85 4.39
CA ALA G 5 -3.86 -56.02 4.41
C ALA G 5 -3.23 -55.10 3.36
N PRO G 6 -2.04 -54.55 3.65
CA PRO G 6 -1.27 -53.64 2.77
C PRO G 6 -1.03 -54.19 1.36
N VAL G 7 -0.91 -53.30 0.38
CA VAL G 7 -0.66 -53.71 -1.01
C VAL G 7 0.60 -53.07 -1.63
N ASN G 8 0.98 -53.56 -2.81
CA ASN G 8 2.22 -53.17 -3.50
C ASN G 8 3.33 -52.85 -2.50
N VAL G 9 3.69 -53.88 -1.75
CA VAL G 9 4.75 -53.76 -0.76
C VAL G 9 6.08 -53.74 -1.50
N THR G 10 6.62 -52.54 -1.67
CA THR G 10 7.87 -52.34 -2.38
C THR G 10 9.09 -52.31 -1.48
N VAL G 11 10.24 -52.69 -2.03
CA VAL G 11 11.48 -52.67 -1.27
C VAL G 11 12.55 -51.97 -2.10
N ARG G 12 13.08 -50.87 -1.58
CA ARG G 12 14.14 -50.15 -2.29
C ARG G 12 15.31 -49.81 -1.39
N HIS G 13 16.25 -49.01 -1.90
CA HIS G 13 17.46 -48.62 -1.16
C HIS G 13 18.23 -49.81 -0.59
N LEU G 14 18.25 -50.94 -1.29
CA LEU G 14 18.97 -52.12 -0.81
C LEU G 14 20.45 -51.91 -0.57
N LYS G 15 21.00 -52.65 0.39
CA LYS G 15 22.41 -52.60 0.72
C LYS G 15 22.77 -53.99 1.20
N ALA G 16 24.01 -54.19 1.63
CA ALA G 16 24.43 -55.50 2.12
C ALA G 16 23.97 -55.64 3.56
N ASN G 17 23.56 -54.53 4.16
CA ASN G 17 23.13 -54.52 5.57
C ASN G 17 21.84 -53.74 5.85
N SER G 18 21.56 -52.75 5.02
CA SER G 18 20.39 -51.90 5.19
C SER G 18 19.38 -52.04 4.05
N ALA G 19 18.19 -51.50 4.26
CA ALA G 19 17.12 -51.53 3.25
C ALA G 19 15.93 -50.70 3.70
N VAL G 20 14.88 -50.69 2.89
CA VAL G 20 13.67 -49.95 3.22
C VAL G 20 12.48 -50.59 2.52
N VAL G 21 11.36 -50.61 3.23
CA VAL G 21 10.15 -51.21 2.69
C VAL G 21 8.99 -50.22 2.77
N SER G 22 8.12 -50.27 1.78
CA SER G 22 6.96 -49.39 1.79
C SER G 22 5.80 -50.18 1.22
N TRP G 23 4.61 -49.63 1.37
CA TRP G 23 3.40 -50.30 0.94
C TRP G 23 2.30 -49.27 0.78
N ASP G 24 1.13 -49.71 0.35
CA ASP G 24 0.00 -48.81 0.23
C ASP G 24 -1.22 -49.46 0.86
N VAL G 25 -2.20 -48.64 1.19
CA VAL G 25 -3.42 -49.10 1.82
C VAL G 25 -4.57 -49.08 0.80
N LEU G 26 -5.58 -49.91 1.04
CA LEU G 26 -6.72 -49.98 0.14
C LEU G 26 -7.51 -48.69 0.00
N GLU G 27 -8.41 -48.71 -0.97
CA GLU G 27 -9.28 -47.57 -1.31
C GLU G 27 -9.64 -46.67 -0.13
N ASP G 28 -10.67 -47.05 0.62
CA ASP G 28 -11.11 -46.25 1.75
C ASP G 28 -10.66 -46.84 3.07
N GLU G 29 -9.37 -46.67 3.37
CA GLU G 29 -8.80 -47.19 4.60
C GLU G 29 -7.88 -46.18 5.29
N VAL G 30 -7.86 -46.23 6.62
CA VAL G 30 -7.07 -45.32 7.42
C VAL G 30 -6.18 -46.10 8.38
N VAL G 31 -4.89 -45.81 8.37
CA VAL G 31 -3.94 -46.50 9.25
C VAL G 31 -3.36 -45.57 10.30
N ILE G 32 -3.02 -46.14 11.46
CA ILE G 32 -2.40 -45.36 12.52
C ILE G 32 -1.08 -46.02 12.91
N GLY G 33 -0.68 -47.05 12.17
CA GLY G 33 0.56 -47.74 12.47
C GLY G 33 0.72 -48.97 11.61
N PHE G 34 1.79 -49.74 11.87
CA PHE G 34 2.05 -50.94 11.09
C PHE G 34 2.85 -51.96 11.89
N ALA G 35 2.88 -53.19 11.39
CA ALA G 35 3.66 -54.24 12.02
C ALA G 35 4.36 -54.98 10.90
N ILE G 36 5.66 -55.18 11.07
CA ILE G 36 6.46 -55.86 10.07
C ILE G 36 7.18 -57.06 10.65
N SER G 37 7.32 -58.11 9.85
CA SER G 37 8.05 -59.29 10.31
C SER G 37 9.08 -59.61 9.23
N GLN G 38 10.32 -59.73 9.67
CA GLN G 38 11.43 -60.02 8.78
C GLN G 38 12.18 -61.24 9.25
N GLN G 39 12.59 -62.10 8.31
CA GLN G 39 13.36 -63.28 8.66
C GLN G 39 14.16 -63.80 7.49
N LYS G 40 15.26 -64.49 7.79
CA LYS G 40 16.12 -65.05 6.77
C LYS G 40 15.45 -66.29 6.18
N LYS G 41 15.62 -66.48 4.87
CA LYS G 41 15.00 -67.58 4.14
C LYS G 41 14.86 -68.89 4.90
N ASP G 42 15.93 -69.34 5.56
CA ASP G 42 15.83 -70.58 6.32
C ASP G 42 16.46 -70.45 7.69
N VAL G 43 15.70 -69.87 8.62
CA VAL G 43 16.17 -69.71 9.98
C VAL G 43 14.99 -69.33 10.86
N ARG G 44 14.92 -69.92 12.05
CA ARG G 44 13.83 -69.62 12.97
C ARG G 44 14.22 -68.51 13.94
N MSE G 45 14.37 -67.32 13.38
CA MSE G 45 14.74 -66.13 14.11
C MSE G 45 13.90 -65.06 13.44
O MSE G 45 14.18 -64.65 12.30
CB MSE G 45 16.24 -65.84 13.92
CG MSE G 45 16.86 -64.77 14.82
SE MSE G 45 16.24 -62.93 14.61
CE MSE G 45 15.18 -62.86 16.21
N LEU G 46 12.86 -64.61 14.13
CA LEU G 46 11.98 -63.58 13.59
C LEU G 46 12.22 -62.24 14.23
N ARG G 47 12.11 -61.18 13.44
CA ARG G 47 12.25 -59.83 13.96
C ARG G 47 10.93 -59.12 13.65
N PHE G 48 10.41 -58.41 14.65
CA PHE G 48 9.16 -57.68 14.50
C PHE G 48 9.39 -56.20 14.76
N ILE G 49 8.97 -55.37 13.82
CA ILE G 49 9.10 -53.92 13.97
C ILE G 49 7.67 -53.40 13.92
N GLN G 50 7.24 -52.70 14.96
CA GLN G 50 5.89 -52.15 14.94
C GLN G 50 5.92 -50.69 15.35
N GLU G 51 5.16 -49.85 14.66
CA GLU G 51 5.08 -48.43 15.01
C GLU G 51 3.61 -48.08 15.13
N VAL G 52 3.30 -47.32 16.17
CA VAL G 52 1.93 -46.93 16.45
C VAL G 52 1.82 -45.42 16.59
N ASN G 53 0.65 -44.87 16.24
CA ASN G 53 0.38 -43.42 16.27
C ASN G 53 1.24 -42.73 15.20
N THR G 54 1.22 -43.29 14.00
CA THR G 54 1.99 -42.76 12.88
C THR G 54 1.26 -43.08 11.58
N THR G 55 1.27 -42.13 10.64
CA THR G 55 0.59 -42.34 9.34
C THR G 55 1.57 -42.79 8.27
N THR G 56 2.81 -43.00 8.69
CA THR G 56 3.86 -43.45 7.78
C THR G 56 3.56 -44.77 7.11
N ARG G 57 3.87 -44.86 5.83
CA ARG G 57 3.68 -46.07 5.05
C ARG G 57 5.05 -46.59 4.66
N SER G 58 6.03 -46.39 5.52
CA SER G 58 7.37 -46.86 5.20
C SER G 58 8.18 -47.18 6.46
N CYS G 59 9.07 -48.16 6.34
CA CYS G 59 9.89 -48.59 7.46
C CYS G 59 11.24 -49.13 6.97
N ALA G 60 12.31 -48.72 7.63
CA ALA G 60 13.64 -49.17 7.25
C ALA G 60 14.07 -50.42 7.99
N LEU G 61 14.85 -51.27 7.33
CA LEU G 61 15.35 -52.49 7.95
C LEU G 61 16.85 -52.34 8.19
N TRP G 62 17.35 -52.97 9.25
CA TRP G 62 18.79 -52.92 9.55
C TRP G 62 19.38 -54.25 9.96
N ASP G 63 20.68 -54.23 10.22
CA ASP G 63 21.42 -55.41 10.64
C ASP G 63 21.19 -56.62 9.72
N LEU G 64 20.94 -56.38 8.44
CA LEU G 64 20.72 -57.49 7.52
C LEU G 64 22.06 -58.15 7.23
N GLU G 65 22.03 -59.40 6.75
CA GLU G 65 23.24 -60.13 6.42
C GLU G 65 23.44 -60.04 4.91
N GLU G 66 24.67 -59.76 4.51
CA GLU G 66 24.98 -59.65 3.08
C GLU G 66 24.67 -60.94 2.32
N ASP G 67 24.32 -60.78 1.05
CA ASP G 67 23.99 -61.90 0.18
C ASP G 67 23.03 -62.90 0.83
N THR G 68 21.96 -62.37 1.42
CA THR G 68 20.97 -63.20 2.11
C THR G 68 19.54 -62.96 1.60
N GLU G 69 18.75 -64.03 1.59
CA GLU G 69 17.37 -63.94 1.16
C GLU G 69 16.51 -63.60 2.37
N TYR G 70 15.53 -62.72 2.17
CA TYR G 70 14.65 -62.30 3.25
C TYR G 70 13.16 -62.35 2.88
N ILE G 71 12.33 -62.52 3.91
CA ILE G 71 10.89 -62.59 3.74
C ILE G 71 10.28 -61.57 4.69
N VAL G 72 9.67 -60.54 4.12
CA VAL G 72 9.07 -59.49 4.93
C VAL G 72 7.58 -59.30 4.69
N HIS G 73 6.78 -59.51 5.73
CA HIS G 73 5.34 -59.32 5.61
C HIS G 73 5.00 -58.06 6.39
N VAL G 74 3.98 -57.35 5.92
CA VAL G 74 3.55 -56.12 6.56
C VAL G 74 2.06 -56.17 6.84
N GLN G 75 1.63 -55.56 7.93
CA GLN G 75 0.21 -55.51 8.26
C GLN G 75 -0.05 -54.13 8.80
N ALA G 76 -1.21 -53.59 8.46
CA ALA G 76 -1.59 -52.26 8.91
C ALA G 76 -2.33 -52.30 10.23
N ILE G 77 -2.33 -51.18 10.93
CA ILE G 77 -3.03 -51.08 12.19
C ILE G 77 -3.98 -49.91 12.04
N SER G 78 -5.24 -50.13 12.39
CA SER G 78 -6.26 -49.08 12.30
C SER G 78 -7.01 -49.01 13.63
N ILE G 79 -8.12 -48.25 13.67
CA ILE G 79 -8.88 -48.16 14.91
C ILE G 79 -9.62 -49.48 15.12
N GLN G 80 -9.83 -50.22 14.04
CA GLN G 80 -10.54 -51.51 14.07
C GLN G 80 -9.61 -52.66 14.47
N GLY G 81 -8.32 -52.38 14.57
CA GLY G 81 -7.35 -53.41 14.93
C GLY G 81 -6.33 -53.65 13.82
N GLN G 82 -5.68 -54.80 13.85
CA GLN G 82 -4.68 -55.15 12.85
C GLN G 82 -5.27 -55.85 11.65
N SER G 83 -4.51 -55.86 10.56
CA SER G 83 -4.94 -56.52 9.34
C SER G 83 -4.14 -57.80 9.18
N PRO G 84 -4.55 -58.66 8.24
CA PRO G 84 -3.86 -59.92 7.97
C PRO G 84 -2.56 -59.51 7.31
N ALA G 85 -1.57 -60.38 7.33
CA ALA G 85 -0.30 -60.04 6.69
C ALA G 85 -0.53 -59.85 5.19
N SER G 86 0.28 -58.98 4.60
CA SER G 86 0.21 -58.68 3.19
C SER G 86 0.88 -59.79 2.39
N GLU G 87 1.06 -59.52 1.10
CA GLU G 87 1.72 -60.47 0.22
C GLU G 87 3.17 -60.55 0.67
N PRO G 88 3.62 -61.77 1.01
CA PRO G 88 5.00 -61.97 1.47
C PRO G 88 5.98 -61.47 0.42
N VAL G 89 6.75 -60.44 0.77
CA VAL G 89 7.73 -59.87 -0.17
C VAL G 89 9.07 -60.61 -0.05
N LEU G 90 9.61 -61.04 -1.18
CA LEU G 90 10.88 -61.74 -1.18
C LEU G 90 11.96 -60.78 -1.65
N PHE G 91 13.14 -60.85 -1.03
CA PHE G 91 14.26 -60.05 -1.51
C PHE G 91 15.59 -60.60 -1.07
N LYS G 92 16.67 -59.95 -1.49
CA LYS G 92 18.01 -60.44 -1.20
C LYS G 92 19.01 -59.29 -1.22
N THR G 93 20.04 -59.39 -0.39
CA THR G 93 21.06 -58.35 -0.27
C THR G 93 22.37 -58.56 -1.06
N PRO G 94 23.13 -57.47 -1.27
CA PRO G 94 24.42 -57.49 -1.98
C PRO G 94 25.51 -58.09 -1.10
N ARG G 95 26.77 -57.82 -1.44
CA ARG G 95 27.91 -58.33 -0.68
C ARG G 95 28.94 -57.27 -0.25
N SER H 2 8.21 -66.19 37.88
CA SER H 2 8.08 -64.97 37.02
C SER H 2 9.47 -64.48 36.54
N PRO H 3 9.61 -64.24 35.22
CA PRO H 3 10.87 -63.78 34.61
C PRO H 3 11.22 -62.34 35.03
N SER H 4 12.48 -62.12 35.37
CA SER H 4 12.91 -60.80 35.80
C SER H 4 13.25 -59.84 34.68
N ALA H 5 12.98 -58.56 34.92
CA ALA H 5 13.27 -57.53 33.94
C ALA H 5 14.80 -57.38 33.78
N PRO H 6 15.27 -57.10 32.56
CA PRO H 6 16.68 -56.91 32.24
C PRO H 6 17.26 -55.83 33.12
N VAL H 7 18.58 -55.88 33.34
CA VAL H 7 19.28 -54.89 34.15
C VAL H 7 20.50 -54.44 33.37
N ASN H 8 21.19 -53.42 33.88
CA ASN H 8 22.38 -52.89 33.21
C ASN H 8 22.04 -52.51 31.77
N VAL H 9 20.93 -51.82 31.60
CA VAL H 9 20.51 -51.39 30.26
C VAL H 9 21.28 -50.10 29.95
N THR H 10 22.03 -50.09 28.85
CA THR H 10 22.79 -48.90 28.47
C THR H 10 22.66 -48.62 26.98
N VAL H 11 22.84 -47.36 26.63
CA VAL H 11 22.80 -46.93 25.24
C VAL H 11 24.19 -46.44 24.84
N ARG H 12 24.83 -47.17 23.94
CA ARG H 12 26.16 -46.79 23.48
C ARG H 12 26.14 -46.51 21.98
N HIS H 13 27.30 -46.16 21.44
CA HIS H 13 27.45 -45.83 20.01
C HIS H 13 26.45 -44.78 19.53
N LEU H 14 26.28 -43.74 20.34
CA LEU H 14 25.38 -42.63 20.03
C LEU H 14 25.77 -41.91 18.75
N LYS H 15 24.86 -41.87 17.78
CA LYS H 15 25.09 -41.19 16.51
C LYS H 15 23.81 -40.43 16.15
N ALA H 16 23.90 -39.57 15.14
CA ALA H 16 22.73 -38.79 14.75
C ALA H 16 21.47 -39.62 14.49
N ASN H 17 21.62 -40.69 13.73
CA ASN H 17 20.49 -41.53 13.37
C ASN H 17 20.65 -42.99 13.79
N SER H 18 21.49 -43.22 14.80
CA SER H 18 21.78 -44.58 15.22
C SER H 18 22.23 -44.68 16.67
N ALA H 19 22.11 -45.87 17.26
CA ALA H 19 22.57 -46.14 18.61
C ALA H 19 22.58 -47.63 18.86
N VAL H 20 23.08 -48.02 20.03
CA VAL H 20 23.18 -49.42 20.41
C VAL H 20 22.73 -49.60 21.84
N VAL H 21 21.78 -50.52 22.04
CA VAL H 21 21.29 -50.80 23.38
C VAL H 21 21.78 -52.18 23.82
N SER H 22 22.26 -52.26 25.05
CA SER H 22 22.76 -53.51 25.59
C SER H 22 22.16 -53.71 26.97
N TRP H 23 22.04 -54.96 27.39
CA TRP H 23 21.46 -55.28 28.68
C TRP H 23 21.99 -56.60 29.24
N ASP H 24 21.72 -56.86 30.51
CA ASP H 24 22.14 -58.11 31.15
C ASP H 24 20.93 -58.81 31.78
N VAL H 25 20.85 -60.12 31.59
CA VAL H 25 19.77 -60.90 32.15
C VAL H 25 20.35 -61.63 33.36
N LEU H 26 19.49 -62.17 34.21
CA LEU H 26 19.94 -62.89 35.39
C LEU H 26 20.67 -64.18 35.08
N GLU H 27 21.45 -64.64 36.05
CA GLU H 27 22.26 -65.86 35.96
C GLU H 27 21.62 -67.07 35.28
N ASP H 28 20.74 -67.76 36.00
CA ASP H 28 20.07 -68.94 35.47
C ASP H 28 18.81 -68.58 34.70
N GLU H 29 18.99 -67.86 33.61
CA GLU H 29 17.85 -67.48 32.78
C GLU H 29 17.98 -68.03 31.37
N VAL H 30 16.97 -68.78 30.95
CA VAL H 30 16.93 -69.37 29.60
C VAL H 30 16.29 -68.34 28.66
N VAL H 31 17.13 -67.49 28.07
CA VAL H 31 16.70 -66.43 27.17
C VAL H 31 16.35 -66.89 25.75
N ILE H 32 15.17 -66.47 25.31
CA ILE H 32 14.63 -66.80 24.00
C ILE H 32 14.63 -65.60 23.06
N GLY H 33 14.67 -64.40 23.65
CA GLY H 33 14.66 -63.19 22.85
C GLY H 33 14.51 -61.94 23.69
N PHE H 34 14.10 -60.85 23.04
CA PHE H 34 13.95 -59.58 23.74
C PHE H 34 12.97 -58.70 22.98
N ALA H 35 12.55 -57.61 23.63
CA ALA H 35 11.67 -56.64 22.99
C ALA H 35 12.22 -55.28 23.40
N ILE H 36 12.28 -54.35 22.46
CA ILE H 36 12.74 -53.01 22.79
C ILE H 36 11.65 -52.02 22.46
N SER H 37 11.38 -51.13 23.41
CA SER H 37 10.37 -50.12 23.25
C SER H 37 11.05 -48.76 23.14
N GLN H 38 10.78 -48.05 22.04
CA GLN H 38 11.38 -46.75 21.81
C GLN H 38 10.40 -45.64 21.48
N GLN H 39 10.46 -44.58 22.26
CA GLN H 39 9.60 -43.43 22.07
C GLN H 39 10.36 -42.12 22.25
N LYS H 40 10.26 -41.20 21.28
CA LYS H 40 10.95 -39.94 21.45
C LYS H 40 10.11 -39.08 22.37
N LYS H 41 10.78 -38.34 23.25
CA LYS H 41 10.11 -37.48 24.21
C LYS H 41 9.01 -36.60 23.63
N ASP H 42 7.92 -36.49 24.37
CA ASP H 42 6.79 -35.67 23.98
C ASP H 42 6.09 -35.94 22.64
N VAL H 43 6.22 -37.15 22.12
CA VAL H 43 5.55 -37.51 20.89
C VAL H 43 4.80 -38.83 21.09
N ARG H 44 3.65 -38.95 20.44
CA ARG H 44 2.82 -40.14 20.57
C ARG H 44 3.28 -41.39 19.81
N MSE H 45 4.12 -41.21 18.79
CA MSE H 45 4.57 -42.36 18.02
C MSE H 45 5.39 -43.32 18.89
O MSE H 45 6.34 -42.91 19.56
CB MSE H 45 5.39 -41.90 16.81
CG MSE H 45 5.73 -43.01 15.79
SE MSE H 45 7.20 -44.21 16.25
CE MSE H 45 8.67 -43.24 15.46
N LEU H 46 5.00 -44.59 18.90
CA LEU H 46 5.71 -45.59 19.68
C LEU H 46 6.29 -46.64 18.75
N ARG H 47 7.56 -46.97 18.97
CA ARG H 47 8.24 -47.96 18.16
C ARG H 47 8.55 -49.18 19.02
N PHE H 48 8.51 -50.35 18.41
CA PHE H 48 8.74 -51.59 19.13
C PHE H 48 9.55 -52.55 18.27
N ILE H 49 10.61 -53.10 18.83
CA ILE H 49 11.46 -54.05 18.11
C ILE H 49 11.51 -55.30 18.94
N GLN H 50 11.18 -56.42 18.32
CA GLN H 50 11.19 -57.67 19.04
C GLN H 50 11.91 -58.71 18.22
N GLU H 51 12.65 -59.58 18.89
CA GLU H 51 13.33 -60.68 18.22
C GLU H 51 13.12 -61.94 19.03
N VAL H 52 12.72 -62.98 18.31
CA VAL H 52 12.41 -64.27 18.89
C VAL H 52 13.42 -65.32 18.46
N ASN H 53 13.87 -66.11 19.43
CA ASN H 53 14.85 -67.15 19.18
C ASN H 53 16.21 -66.56 18.88
N THR H 54 16.73 -65.82 19.84
CA THR H 54 18.05 -65.21 19.72
C THR H 54 18.58 -65.04 21.14
N THR H 55 19.89 -65.23 21.29
CA THR H 55 20.53 -65.13 22.59
C THR H 55 21.24 -63.80 22.77
N THR H 56 21.09 -62.91 21.79
CA THR H 56 21.73 -61.60 21.83
C THR H 56 21.44 -60.81 23.09
N ARG H 57 22.36 -59.91 23.43
CA ARG H 57 22.20 -59.04 24.59
C ARG H 57 22.35 -57.61 24.14
N SER H 58 22.23 -57.39 22.83
CA SER H 58 22.33 -56.05 22.27
C SER H 58 21.51 -55.92 21.00
N CYS H 59 21.12 -54.68 20.71
CA CYS H 59 20.33 -54.39 19.52
C CYS H 59 20.56 -52.95 19.08
N ALA H 60 20.79 -52.77 17.78
CA ALA H 60 21.01 -51.44 17.22
C ALA H 60 19.70 -50.76 16.88
N LEU H 61 19.58 -49.51 17.30
CA LEU H 61 18.39 -48.70 17.03
C LEU H 61 18.73 -47.94 15.75
N TRP H 62 17.77 -47.77 14.86
CA TRP H 62 18.04 -47.04 13.63
C TRP H 62 16.91 -46.07 13.34
N ASP H 63 17.07 -45.30 12.27
CA ASP H 63 16.08 -44.32 11.88
C ASP H 63 15.80 -43.29 12.97
N LEU H 64 16.80 -42.99 13.78
CA LEU H 64 16.64 -42.01 14.83
C LEU H 64 16.79 -40.64 14.18
N GLU H 65 16.38 -39.61 14.91
CA GLU H 65 16.50 -38.25 14.42
C GLU H 65 17.55 -37.54 15.25
N GLU H 66 18.31 -36.66 14.60
CA GLU H 66 19.34 -35.93 15.32
C GLU H 66 18.81 -34.91 16.31
N ASP H 67 19.64 -34.59 17.30
CA ASP H 67 19.30 -33.63 18.34
C ASP H 67 17.96 -33.99 18.97
N THR H 68 17.69 -35.28 19.05
CA THR H 68 16.42 -35.77 19.59
C THR H 68 16.55 -36.63 20.84
N GLU H 69 15.77 -36.29 21.87
CA GLU H 69 15.77 -37.04 23.12
C GLU H 69 14.86 -38.25 22.98
N TYR H 70 15.39 -39.42 23.32
CA TYR H 70 14.64 -40.67 23.23
C TYR H 70 14.48 -41.33 24.59
N ILE H 71 13.50 -42.24 24.69
CA ILE H 71 13.26 -43.00 25.91
C ILE H 71 13.11 -44.44 25.45
N VAL H 72 13.88 -45.33 26.07
CA VAL H 72 13.92 -46.74 25.71
C VAL H 72 13.83 -47.70 26.90
N HIS H 73 13.14 -48.82 26.69
CA HIS H 73 12.98 -49.86 27.72
C HIS H 73 13.27 -51.21 27.08
N VAL H 74 13.71 -52.16 27.89
CA VAL H 74 13.99 -53.49 27.36
C VAL H 74 13.23 -54.53 28.16
N GLN H 75 12.78 -55.57 27.46
CA GLN H 75 12.05 -56.67 28.08
C GLN H 75 12.66 -57.97 27.57
N ALA H 76 12.84 -58.92 28.47
CA ALA H 76 13.41 -60.21 28.11
C ALA H 76 12.30 -61.21 27.87
N ILE H 77 12.59 -62.21 27.05
CA ILE H 77 11.65 -63.27 26.71
C ILE H 77 12.35 -64.59 27.02
N SER H 78 11.84 -65.33 28.01
CA SER H 78 12.44 -66.61 28.41
C SER H 78 11.44 -67.75 28.26
N ILE H 79 11.78 -68.95 28.75
CA ILE H 79 10.85 -70.07 28.64
C ILE H 79 9.68 -69.72 29.55
N GLN H 80 9.90 -68.78 30.48
CA GLN H 80 8.83 -68.39 31.39
C GLN H 80 7.98 -67.24 30.84
N GLY H 81 8.18 -66.93 29.58
CA GLY H 81 7.41 -65.86 28.96
C GLY H 81 8.12 -64.53 28.84
N GLN H 82 7.34 -63.45 28.83
CA GLN H 82 7.89 -62.12 28.72
C GLN H 82 8.02 -61.40 30.06
N SER H 83 9.21 -60.85 30.30
CA SER H 83 9.49 -60.14 31.54
C SER H 83 8.87 -58.76 31.54
N PRO H 84 8.85 -58.10 32.70
CA PRO H 84 8.32 -56.76 32.85
C PRO H 84 9.37 -55.92 32.14
N ALA H 85 9.11 -54.62 31.96
CA ALA H 85 10.11 -53.78 31.29
C ALA H 85 11.24 -53.33 32.21
N SER H 86 12.43 -53.14 31.63
CA SER H 86 13.61 -52.70 32.35
C SER H 86 13.33 -51.29 32.81
N GLU H 87 14.29 -50.72 33.52
CA GLU H 87 14.15 -49.35 33.96
C GLU H 87 14.36 -48.57 32.64
N PRO H 88 13.74 -47.39 32.50
CA PRO H 88 13.84 -46.56 31.29
C PRO H 88 15.21 -45.89 31.14
N VAL H 89 15.81 -46.01 29.96
CA VAL H 89 17.09 -45.38 29.67
C VAL H 89 16.86 -44.17 28.75
N LEU H 90 17.24 -42.97 29.20
CA LEU H 90 17.07 -41.74 28.42
C LEU H 90 18.35 -41.32 27.70
N PHE H 91 18.21 -40.64 26.57
CA PHE H 91 19.40 -40.19 25.84
C PHE H 91 19.09 -39.29 24.66
N LYS H 92 19.94 -38.28 24.45
CA LYS H 92 19.74 -37.36 23.33
C LYS H 92 20.74 -37.72 22.24
N THR H 93 20.28 -37.70 20.99
CA THR H 93 21.14 -37.99 19.85
C THR H 93 21.94 -36.72 19.52
N PRO H 94 23.03 -36.87 18.74
CA PRO H 94 23.94 -35.81 18.28
C PRO H 94 23.46 -35.08 17.04
N ARG H 95 23.99 -33.89 16.81
CA ARG H 95 23.64 -33.09 15.64
C ARG H 95 24.12 -33.82 14.37
#